data_5E7F
#
_entry.id   5E7F
#
_cell.length_a   84.730
_cell.length_b   88.040
_cell.length_c   147.650
_cell.angle_alpha   90.00
_cell.angle_beta   90.00
_cell.angle_gamma   90.00
#
_symmetry.space_group_name_H-M   'P 21 21 21'
#
loop_
_entity.id
_entity.type
_entity.pdbx_description
1 polymer 'nanobody L06'
2 polymer 'Major structural protein 1'
3 water water
#
loop_
_entity_poly.entity_id
_entity_poly.type
_entity_poly.pdbx_seq_one_letter_code
_entity_poly.pdbx_strand_id
1 'polypeptide(L)'
;QVQLVESGGGSVQAGGSLRLSCTASGFTFDDSDMGWYHQAPGNECELVSAIFSDGSTYYADSVKGRFTISRDNAKNTVYL
QMNSLKPEDTAMYYCAAATTTVASPPVRHVCNGYWGQGTQVTVSSHHHHHH
;
A,B,C
2 'polypeptide(L)'
;MAELTKITRGMQNGAETINDNLNKLNTITVQKTGDETIAGKKTFSGDVSVDGDFTMKKFADSYVAFFANKGSGNTVTFTA
PWDCTAEVELFYHGWGYSGGEWEIGITTPSGLTQIYEATGYTNGHDNQAISMPTKAIYSGLKKGLQYTFDIRDANGRGGG
PKHPMMIVKLYRNA
;
G,H,I
#
# COMPACT_ATOMS: atom_id res chain seq x y z
N GLN A 1 -30.26 30.66 1.46
CA GLN A 1 -28.81 30.49 1.38
C GLN A 1 -28.31 29.45 2.38
N VAL A 2 -27.01 29.11 2.33
CA VAL A 2 -26.46 28.19 3.31
C VAL A 2 -26.41 28.87 4.68
N GLN A 3 -27.07 28.25 5.66
CA GLN A 3 -27.16 28.77 7.01
C GLN A 3 -26.70 27.74 8.03
N LEU A 4 -25.79 28.16 8.91
CA LEU A 4 -25.29 27.37 10.02
C LEU A 4 -25.60 28.13 11.28
N VAL A 5 -26.12 27.43 12.29
CA VAL A 5 -26.51 28.03 13.57
C VAL A 5 -25.90 27.21 14.71
N GLU A 6 -25.12 27.88 15.59
CA GLU A 6 -24.47 27.22 16.73
C GLU A 6 -25.05 27.68 18.02
N SER A 7 -25.17 26.75 18.97
CA SER A 7 -25.62 27.00 20.34
C SER A 7 -24.93 25.99 21.28
N GLY A 8 -24.91 26.26 22.58
CA GLY A 8 -24.32 25.34 23.55
C GLY A 8 -23.21 25.85 24.45
N GLY A 9 -22.43 26.81 23.93
CA GLY A 9 -21.31 27.41 24.66
C GLY A 9 -21.68 28.21 25.88
N GLY A 10 -20.75 28.29 26.82
CA GLY A 10 -20.92 29.04 28.06
C GLY A 10 -19.74 28.93 29.00
N SER A 11 -19.90 29.48 30.21
CA SER A 11 -18.88 29.47 31.27
C SER A 11 -19.00 28.22 32.12
N VAL A 12 -17.85 27.60 32.40
CA VAL A 12 -17.71 26.35 33.13
C VAL A 12 -16.30 26.28 33.76
N GLN A 13 -16.10 25.42 34.77
CA GLN A 13 -14.79 25.24 35.36
C GLN A 13 -14.15 23.98 34.75
N ALA A 14 -12.80 23.89 34.79
CA ALA A 14 -12.03 22.75 34.29
C ALA A 14 -12.58 21.45 34.87
N GLY A 15 -12.70 20.43 34.02
CA GLY A 15 -13.25 19.13 34.38
C GLY A 15 -14.70 18.99 33.97
N GLY A 16 -15.34 20.14 33.72
CA GLY A 16 -16.73 20.26 33.31
C GLY A 16 -17.01 19.74 31.91
N SER A 17 -18.28 19.81 31.50
CA SER A 17 -18.76 19.34 30.21
C SER A 17 -19.72 20.30 29.55
N LEU A 18 -19.60 20.46 28.24
CA LEU A 18 -20.50 21.29 27.44
C LEU A 18 -20.87 20.53 26.20
N ARG A 19 -22.06 20.80 25.65
CA ARG A 19 -22.49 20.15 24.42
C ARG A 19 -22.85 21.24 23.42
N LEU A 20 -22.05 21.35 22.34
CA LEU A 20 -22.34 22.33 21.30
C LEU A 20 -23.18 21.67 20.22
N SER A 21 -24.15 22.43 19.68
CA SER A 21 -25.04 21.97 18.62
C SER A 21 -24.91 22.88 17.42
N CYS A 22 -25.06 22.31 16.23
CA CYS A 22 -25.06 23.06 14.99
C CYS A 22 -26.13 22.56 14.04
N THR A 23 -27.10 23.41 13.71
CA THR A 23 -28.13 23.03 12.78
C THR A 23 -27.89 23.74 11.46
N ALA A 24 -27.94 22.95 10.39
CA ALA A 24 -27.68 23.39 9.03
C ALA A 24 -28.92 23.43 8.15
N SER A 25 -28.92 24.33 7.16
CA SER A 25 -29.98 24.52 6.17
C SER A 25 -29.41 25.15 4.90
N GLY A 26 -30.07 24.89 3.76
CA GLY A 26 -29.66 25.43 2.47
C GLY A 26 -28.89 24.48 1.59
N PHE A 27 -28.59 23.26 2.09
CA PHE A 27 -27.87 22.22 1.36
C PHE A 27 -28.25 20.82 1.84
N THR A 28 -27.98 19.79 1.02
CA THR A 28 -28.23 18.39 1.34
C THR A 28 -27.25 18.03 2.45
N PHE A 29 -27.78 17.88 3.68
CA PHE A 29 -26.99 17.61 4.86
C PHE A 29 -26.32 16.24 4.88
N ASP A 30 -27.08 15.18 4.56
CA ASP A 30 -26.65 13.78 4.57
C ASP A 30 -25.34 13.50 3.81
N ASP A 31 -25.14 14.19 2.67
CA ASP A 31 -23.97 14.08 1.79
C ASP A 31 -22.77 14.91 2.25
N SER A 32 -22.98 15.88 3.14
CA SER A 32 -21.96 16.81 3.61
C SER A 32 -21.11 16.33 4.76
N ASP A 33 -19.89 16.90 4.83
CA ASP A 33 -18.93 16.69 5.90
C ASP A 33 -19.09 17.92 6.78
N MET A 34 -19.26 17.68 8.08
CA MET A 34 -19.47 18.76 9.04
C MET A 34 -18.34 18.81 10.04
N GLY A 35 -18.02 20.01 10.52
CA GLY A 35 -16.94 20.18 11.47
C GLY A 35 -17.09 21.37 12.41
N TRP A 36 -16.17 21.42 13.37
CA TRP A 36 -16.10 22.46 14.39
C TRP A 36 -14.70 23.05 14.40
N TYR A 37 -14.61 24.36 14.19
CA TYR A 37 -13.39 25.15 14.22
C TYR A 37 -13.44 25.97 15.48
N HIS A 38 -12.26 26.43 15.96
CA HIS A 38 -12.18 27.28 17.14
C HIS A 38 -11.05 28.27 17.02
N GLN A 39 -11.20 29.40 17.70
CA GLN A 39 -10.21 30.46 17.70
C GLN A 39 -10.21 31.15 19.05
N ALA A 40 -9.08 31.05 19.74
CA ALA A 40 -8.85 31.74 20.99
C ALA A 40 -8.21 33.07 20.57
N PRO A 41 -8.43 34.21 21.25
CA PRO A 41 -7.79 35.46 20.77
C PRO A 41 -6.26 35.34 20.76
N GLY A 42 -5.68 35.73 19.63
CA GLY A 42 -4.23 35.65 19.41
C GLY A 42 -3.79 34.40 18.68
N ASN A 43 -4.69 33.42 18.56
CA ASN A 43 -4.43 32.15 17.88
C ASN A 43 -5.18 32.10 16.56
N GLU A 44 -4.80 31.16 15.68
CA GLU A 44 -5.40 30.96 14.37
C GLU A 44 -6.69 30.16 14.46
N CYS A 45 -7.49 30.17 13.37
CA CYS A 45 -8.73 29.38 13.23
C CYS A 45 -8.28 27.93 12.97
N GLU A 46 -8.59 27.02 13.91
CA GLU A 46 -8.17 25.62 13.81
C GLU A 46 -9.30 24.64 13.95
N LEU A 47 -9.24 23.58 13.13
CA LEU A 47 -10.24 22.50 13.16
C LEU A 47 -10.08 21.66 14.43
N VAL A 48 -11.13 21.60 15.24
CA VAL A 48 -11.15 20.84 16.49
C VAL A 48 -11.48 19.39 16.15
N SER A 49 -12.64 19.19 15.49
CA SER A 49 -13.16 17.89 15.14
C SER A 49 -14.04 17.98 13.90
N ALA A 50 -14.18 16.86 13.17
CA ALA A 50 -14.99 16.76 11.95
C ALA A 50 -15.63 15.39 11.81
N ILE A 51 -16.88 15.36 11.34
CA ILE A 51 -17.64 14.13 11.07
C ILE A 51 -17.95 14.09 9.57
N PHE A 52 -17.43 13.08 8.88
CA PHE A 52 -17.59 12.97 7.43
C PHE A 52 -18.90 12.27 7.04
N SER A 53 -19.34 12.45 5.78
CA SER A 53 -20.57 11.88 5.23
C SER A 53 -20.70 10.38 5.49
N ASP A 54 -19.57 9.65 5.36
CA ASP A 54 -19.39 8.20 5.58
C ASP A 54 -19.36 7.78 7.06
N GLY A 55 -19.60 8.73 7.97
CA GLY A 55 -19.65 8.46 9.40
C GLY A 55 -18.34 8.58 10.17
N SER A 56 -17.19 8.55 9.48
CA SER A 56 -15.86 8.66 10.09
C SER A 56 -15.64 10.02 10.74
N THR A 57 -14.74 10.04 11.74
CA THR A 57 -14.46 11.22 12.54
C THR A 57 -12.98 11.59 12.59
N TYR A 58 -12.72 12.89 12.75
CA TYR A 58 -11.39 13.44 12.97
C TYR A 58 -11.45 14.21 14.29
N TYR A 59 -10.38 14.11 15.09
CA TYR A 59 -10.22 14.85 16.35
C TYR A 59 -8.81 15.38 16.42
N ALA A 60 -8.66 16.66 16.83
CA ALA A 60 -7.34 17.27 17.00
C ALA A 60 -6.68 16.56 18.18
N ASP A 61 -5.36 16.36 18.12
CA ASP A 61 -4.60 15.65 19.16
C ASP A 61 -4.84 16.17 20.58
N SER A 62 -5.09 17.49 20.71
CA SER A 62 -5.37 18.16 21.98
C SER A 62 -6.74 17.80 22.56
N VAL A 63 -7.69 17.35 21.72
CA VAL A 63 -9.05 17.02 22.16
C VAL A 63 -9.36 15.51 22.08
N LYS A 64 -8.45 14.72 21.52
CA LYS A 64 -8.60 13.27 21.36
C LYS A 64 -8.87 12.61 22.71
N GLY A 65 -9.98 11.88 22.79
CA GLY A 65 -10.40 11.17 23.99
C GLY A 65 -11.26 11.96 24.96
N ARG A 66 -11.38 13.28 24.76
CA ARG A 66 -12.17 14.16 25.62
C ARG A 66 -13.45 14.59 24.90
N PHE A 67 -13.35 14.93 23.60
CA PHE A 67 -14.48 15.39 22.79
C PHE A 67 -15.04 14.28 21.92
N THR A 68 -16.34 14.37 21.60
CA THR A 68 -17.03 13.41 20.74
C THR A 68 -17.95 14.13 19.76
N ILE A 69 -17.68 13.94 18.46
CA ILE A 69 -18.50 14.51 17.40
C ILE A 69 -19.52 13.48 16.97
N SER A 70 -20.76 13.92 16.73
CA SER A 70 -21.85 13.05 16.30
C SER A 70 -22.79 13.85 15.41
N ARG A 71 -23.63 13.16 14.64
CA ARG A 71 -24.59 13.82 13.78
C ARG A 71 -25.92 13.12 13.75
N ASP A 72 -26.99 13.90 13.60
CA ASP A 72 -28.36 13.41 13.47
C ASP A 72 -28.85 13.97 12.15
N ASN A 73 -28.61 13.21 11.06
CA ASN A 73 -28.97 13.60 9.70
C ASN A 73 -30.44 13.99 9.56
N ALA A 74 -31.32 13.34 10.35
CA ALA A 74 -32.76 13.61 10.38
C ALA A 74 -33.03 15.02 10.89
N LYS A 75 -32.27 15.50 11.88
CA LYS A 75 -32.42 16.83 12.49
C LYS A 75 -31.46 17.88 11.88
N ASN A 76 -30.67 17.49 10.85
CA ASN A 76 -29.66 18.35 10.19
C ASN A 76 -28.72 18.99 11.22
N THR A 77 -28.43 18.26 12.31
CA THR A 77 -27.62 18.76 13.41
C THR A 77 -26.36 17.93 13.66
N VAL A 78 -25.29 18.65 14.07
CA VAL A 78 -23.96 18.13 14.46
C VAL A 78 -23.76 18.53 15.91
N TYR A 79 -23.25 17.59 16.70
CA TYR A 79 -22.98 17.82 18.11
C TYR A 79 -21.52 17.62 18.45
N LEU A 80 -21.02 18.45 19.37
CA LEU A 80 -19.67 18.32 19.88
C LEU A 80 -19.82 18.17 21.37
N GLN A 81 -19.70 16.93 21.87
CA GLN A 81 -19.79 16.66 23.30
C GLN A 81 -18.40 16.88 23.84
N MET A 82 -18.22 18.00 24.55
CA MET A 82 -16.95 18.39 25.14
C MET A 82 -16.91 17.99 26.60
N ASN A 83 -16.08 16.99 26.94
CA ASN A 83 -15.92 16.51 28.32
C ASN A 83 -14.50 16.81 28.79
N SER A 84 -14.26 16.72 30.12
CA SER A 84 -12.97 16.97 30.77
C SER A 84 -12.34 18.27 30.25
N LEU A 85 -13.12 19.36 30.26
CA LEU A 85 -12.69 20.66 29.74
C LEU A 85 -11.47 21.22 30.47
N LYS A 86 -10.59 21.87 29.70
CA LYS A 86 -9.35 22.47 30.19
C LYS A 86 -9.42 23.97 29.91
N PRO A 87 -8.70 24.85 30.66
CA PRO A 87 -8.75 26.29 30.32
C PRO A 87 -8.31 26.62 28.88
N GLU A 88 -7.47 25.75 28.26
CA GLU A 88 -6.98 25.89 26.86
C GLU A 88 -8.10 25.74 25.82
N ASP A 89 -9.20 25.07 26.21
CA ASP A 89 -10.38 24.88 25.36
C ASP A 89 -11.16 26.19 25.19
N THR A 90 -10.84 27.24 26.00
CA THR A 90 -11.45 28.57 25.89
C THR A 90 -11.19 29.11 24.51
N ALA A 91 -12.27 29.28 23.75
CA ALA A 91 -12.28 29.79 22.39
C ALA A 91 -13.70 30.04 21.95
N MET A 92 -13.83 30.71 20.81
CA MET A 92 -15.09 30.93 20.13
C MET A 92 -15.14 29.74 19.15
N TYR A 93 -16.18 28.91 19.25
CA TYR A 93 -16.35 27.73 18.39
C TYR A 93 -17.31 28.00 17.25
N TYR A 94 -16.87 27.67 16.03
CA TYR A 94 -17.63 27.88 14.79
C TYR A 94 -17.86 26.57 14.09
N CYS A 95 -19.08 26.39 13.61
CA CYS A 95 -19.51 25.24 12.85
C CYS A 95 -19.15 25.44 11.36
N ALA A 96 -18.74 24.36 10.68
CA ALA A 96 -18.36 24.42 9.26
C ALA A 96 -18.96 23.27 8.47
N ALA A 97 -19.12 23.49 7.16
CA ALA A 97 -19.68 22.50 6.25
C ALA A 97 -18.85 22.39 4.99
N ALA A 98 -18.79 21.17 4.44
CA ALA A 98 -18.09 20.90 3.20
C ALA A 98 -19.06 20.21 2.26
N THR A 99 -19.81 21.01 1.49
CA THR A 99 -20.79 20.55 0.50
C THR A 99 -20.40 21.04 -0.89
N THR A 100 -20.58 20.19 -1.89
CA THR A 100 -20.20 20.48 -3.28
C THR A 100 -21.13 21.49 -3.98
N THR A 101 -22.24 21.88 -3.33
CA THR A 101 -23.15 22.86 -3.91
C THR A 101 -22.67 24.29 -3.69
N VAL A 102 -21.95 24.55 -2.59
CA VAL A 102 -21.40 25.88 -2.33
C VAL A 102 -19.87 25.84 -2.45
N ALA A 103 -19.26 27.01 -2.68
CA ALA A 103 -17.81 27.14 -2.77
C ALA A 103 -17.21 26.98 -1.37
N SER A 104 -16.03 26.35 -1.26
CA SER A 104 -15.42 26.18 0.06
C SER A 104 -14.61 27.40 0.46
N PRO A 105 -14.93 28.04 1.61
CA PRO A 105 -14.17 29.25 2.00
C PRO A 105 -12.80 28.92 2.57
N PRO A 106 -11.83 29.87 2.51
CA PRO A 106 -10.56 29.62 3.23
C PRO A 106 -10.87 29.53 4.74
N VAL A 107 -10.18 28.61 5.46
CA VAL A 107 -10.38 28.35 6.89
C VAL A 107 -10.48 29.64 7.73
N ARG A 108 -9.61 30.64 7.48
CA ARG A 108 -9.60 31.92 8.18
C ARG A 108 -10.97 32.61 8.25
N HIS A 109 -11.82 32.41 7.23
CA HIS A 109 -13.17 32.99 7.13
C HIS A 109 -14.14 32.41 8.14
N VAL A 110 -14.03 31.10 8.41
CA VAL A 110 -14.90 30.39 9.37
C VAL A 110 -14.94 31.09 10.73
N CYS A 111 -13.76 31.45 11.26
CA CYS A 111 -13.64 32.11 12.57
C CYS A 111 -13.78 33.62 12.51
N ASN A 112 -14.45 34.09 11.46
CA ASN A 112 -14.77 35.50 11.24
C ASN A 112 -16.27 35.63 10.96
N GLY A 113 -16.97 34.50 11.17
CA GLY A 113 -18.41 34.39 11.04
C GLY A 113 -18.91 34.30 9.61
N TYR A 114 -18.20 33.51 8.76
CA TYR A 114 -18.55 33.29 7.36
C TYR A 114 -19.98 32.77 7.27
N TRP A 115 -20.33 31.78 8.10
CA TRP A 115 -21.66 31.19 8.19
C TRP A 115 -22.34 31.69 9.49
N GLY A 116 -22.18 30.94 10.58
CA GLY A 116 -22.74 31.29 11.88
C GLY A 116 -21.85 32.27 12.62
N GLN A 117 -22.37 32.89 13.68
CA GLN A 117 -21.61 33.87 14.44
C GLN A 117 -20.72 33.25 15.53
N GLY A 118 -20.87 31.93 15.72
CA GLY A 118 -20.10 31.17 16.68
C GLY A 118 -20.69 31.16 18.06
N THR A 119 -20.17 30.24 18.90
CA THR A 119 -20.58 30.05 20.27
C THR A 119 -19.34 30.08 21.17
N GLN A 120 -19.31 31.01 22.15
CA GLN A 120 -18.18 31.17 23.06
C GLN A 120 -18.20 30.15 24.19
N VAL A 121 -17.05 29.50 24.42
CA VAL A 121 -16.79 28.54 25.49
C VAL A 121 -15.71 29.14 26.38
N THR A 122 -15.98 29.29 27.65
CA THR A 122 -14.99 29.83 28.59
C THR A 122 -14.79 28.84 29.73
N VAL A 123 -13.54 28.39 29.92
CA VAL A 123 -13.16 27.40 30.94
C VAL A 123 -12.17 28.02 31.94
N SER A 124 -12.53 28.01 33.23
CA SER A 124 -11.69 28.55 34.30
C SER A 124 -10.78 27.47 34.88
N SER A 125 -9.68 27.88 35.54
CA SER A 125 -8.73 26.94 36.16
C SER A 125 -9.29 26.44 37.49
N HIS A 126 -8.80 25.29 37.97
CA HIS A 126 -9.24 24.71 39.26
C HIS A 126 -8.97 25.61 40.50
N GLN B 1 -7.26 -36.58 22.84
CA GLN B 1 -7.37 -35.12 22.96
C GLN B 1 -6.08 -34.42 22.48
N VAL B 2 -6.10 -33.08 22.40
CA VAL B 2 -4.90 -32.33 22.03
C VAL B 2 -3.89 -32.44 23.18
N GLN B 3 -2.69 -32.95 22.86
CA GLN B 3 -1.63 -33.16 23.82
C GLN B 3 -0.35 -32.49 23.36
N LEU B 4 0.22 -31.68 24.25
CA LEU B 4 1.50 -31.00 24.04
C LEU B 4 2.41 -31.44 25.15
N VAL B 5 3.65 -31.80 24.79
CA VAL B 5 4.65 -32.31 25.74
C VAL B 5 5.94 -31.51 25.57
N GLU B 6 6.41 -30.86 26.65
CA GLU B 6 7.64 -30.07 26.63
C GLU B 6 8.72 -30.72 27.43
N SER B 7 9.96 -30.64 26.92
CA SER B 7 11.16 -31.11 27.58
C SER B 7 12.34 -30.23 27.15
N GLY B 8 13.43 -30.25 27.91
CA GLY B 8 14.61 -29.47 27.55
C GLY B 8 15.15 -28.49 28.57
N GLY B 9 14.26 -27.92 29.38
CA GLY B 9 14.61 -26.94 30.40
C GLY B 9 15.47 -27.46 31.53
N GLY B 10 16.22 -26.56 32.15
CA GLY B 10 17.09 -26.89 33.27
C GLY B 10 17.91 -25.71 33.75
N SER B 11 18.84 -25.97 34.70
CA SER B 11 19.73 -24.97 35.26
C SER B 11 20.99 -24.84 34.43
N VAL B 12 21.40 -23.59 34.19
CA VAL B 12 22.54 -23.21 33.35
C VAL B 12 23.04 -21.83 33.78
N GLN B 13 24.27 -21.46 33.42
CA GLN B 13 24.79 -20.13 33.72
C GLN B 13 24.66 -19.25 32.47
N ALA B 14 24.62 -17.92 32.68
CA ALA B 14 24.52 -16.92 31.60
C ALA B 14 25.58 -17.21 30.53
N GLY B 15 25.16 -17.09 29.26
CA GLY B 15 26.02 -17.37 28.12
C GLY B 15 25.80 -18.76 27.57
N GLY B 16 25.20 -19.62 28.39
CA GLY B 16 24.89 -21.01 28.07
C GLY B 16 23.81 -21.18 27.02
N SER B 17 23.51 -22.44 26.69
CA SER B 17 22.52 -22.82 25.67
C SER B 17 21.63 -23.96 26.11
N LEU B 18 20.34 -23.85 25.81
CA LEU B 18 19.35 -24.89 26.09
C LEU B 18 18.51 -25.10 24.85
N ARG B 19 18.02 -26.32 24.65
CA ARG B 19 17.16 -26.62 23.52
C ARG B 19 15.87 -27.20 24.06
N LEU B 20 14.76 -26.46 23.88
CA LEU B 20 13.46 -26.95 24.32
C LEU B 20 12.79 -27.65 23.15
N SER B 21 12.11 -28.76 23.45
CA SER B 21 11.38 -29.55 22.46
C SER B 21 9.92 -29.62 22.86
N CYS B 22 9.05 -29.67 21.86
CA CYS B 22 7.63 -29.83 22.08
C CYS B 22 7.04 -30.78 21.06
N THR B 23 6.53 -31.93 21.53
CA THR B 23 5.89 -32.89 20.64
C THR B 23 4.39 -32.82 20.82
N ALA B 24 3.68 -32.72 19.69
CA ALA B 24 2.25 -32.56 19.62
C ALA B 24 1.54 -33.80 19.07
N SER B 25 0.29 -33.99 19.51
CA SER B 25 -0.63 -35.07 19.12
C SER B 25 -2.08 -34.63 19.33
N GLY B 26 -2.98 -35.22 18.56
CA GLY B 26 -4.40 -34.94 18.65
C GLY B 26 -4.94 -34.00 17.58
N PHE B 27 -4.04 -33.48 16.71
CA PHE B 27 -4.39 -32.56 15.62
C PHE B 27 -3.40 -32.65 14.46
N THR B 28 -3.81 -32.16 13.26
CA THR B 28 -2.98 -32.12 12.06
C THR B 28 -1.91 -31.07 12.33
N PHE B 29 -0.68 -31.54 12.55
CA PHE B 29 0.45 -30.70 12.90
C PHE B 29 0.91 -29.75 11.80
N ASP B 30 1.07 -30.26 10.57
CA ASP B 30 1.56 -29.54 9.39
C ASP B 30 0.83 -28.21 9.10
N ASP B 31 -0.49 -28.19 9.34
CA ASP B 31 -1.38 -27.04 9.12
C ASP B 31 -1.37 -26.03 10.27
N SER B 32 -0.88 -26.44 11.45
CA SER B 32 -0.88 -25.62 12.66
C SER B 32 0.28 -24.67 12.83
N ASP B 33 0.02 -23.60 13.61
CA ASP B 33 1.00 -22.60 14.00
C ASP B 33 1.40 -23.01 15.41
N MET B 34 2.70 -23.11 15.66
CA MET B 34 3.22 -23.53 16.95
C MET B 34 4.02 -22.42 17.59
N GLY B 35 4.01 -22.37 18.91
CA GLY B 35 4.73 -21.34 19.64
C GLY B 35 5.17 -21.70 21.04
N TRP B 36 5.96 -20.81 21.64
CA TRP B 36 6.49 -20.93 22.98
C TRP B 36 6.16 -19.69 23.78
N TYR B 37 5.48 -19.87 24.91
CA TYR B 37 5.12 -18.83 25.87
C TYR B 37 6.00 -19.03 27.10
N HIS B 38 6.17 -17.98 27.91
CA HIS B 38 6.93 -18.05 29.15
C HIS B 38 6.35 -17.15 30.21
N GLN B 39 6.59 -17.51 31.47
CA GLN B 39 6.11 -16.75 32.61
C GLN B 39 7.11 -16.84 33.75
N ALA B 40 7.67 -15.70 34.11
CA ALA B 40 8.56 -15.58 35.25
C ALA B 40 7.63 -15.23 36.41
N PRO B 41 7.91 -15.61 37.67
CA PRO B 41 6.97 -15.26 38.75
C PRO B 41 6.78 -13.74 38.89
N GLY B 42 5.52 -13.32 38.93
CA GLY B 42 5.15 -11.91 39.04
C GLY B 42 4.85 -11.26 37.71
N ASN B 43 5.23 -11.93 36.61
CA ASN B 43 5.02 -11.45 35.25
C ASN B 43 3.89 -12.22 34.57
N GLU B 44 3.36 -11.66 33.46
CA GLU B 44 2.29 -12.27 32.68
C GLU B 44 2.83 -13.35 31.74
N CYS B 45 1.90 -14.17 31.18
CA CYS B 45 2.20 -15.20 30.19
C CYS B 45 2.45 -14.47 28.86
N GLU B 46 3.68 -14.55 28.34
CA GLU B 46 4.06 -13.84 27.13
C GLU B 46 4.67 -14.75 26.08
N LEU B 47 4.30 -14.49 24.81
CA LEU B 47 4.81 -15.24 23.67
C LEU B 47 6.28 -14.88 23.43
N VAL B 48 7.17 -15.88 23.48
CA VAL B 48 8.61 -15.74 23.27
C VAL B 48 8.86 -15.76 21.77
N SER B 49 8.41 -16.84 21.11
CA SER B 49 8.60 -17.09 19.70
C SER B 49 7.49 -17.98 19.13
N ALA B 50 7.24 -17.89 17.81
CA ALA B 50 6.23 -18.68 17.11
C ALA B 50 6.67 -19.01 15.69
N ILE B 51 6.36 -20.24 15.24
CA ILE B 51 6.62 -20.72 13.88
C ILE B 51 5.27 -21.03 13.23
N PHE B 52 4.95 -20.32 12.15
CA PHE B 52 3.67 -20.47 11.48
C PHE B 52 3.67 -21.60 10.45
N SER B 53 2.47 -22.08 10.06
CA SER B 53 2.27 -23.18 9.08
C SER B 53 3.07 -22.95 7.79
N ASP B 54 3.08 -21.68 7.31
CA ASP B 54 3.78 -21.19 6.11
C ASP B 54 5.32 -21.05 6.27
N GLY B 55 5.85 -21.48 7.41
CA GLY B 55 7.28 -21.47 7.70
C GLY B 55 7.83 -20.23 8.36
N SER B 56 7.10 -19.08 8.29
CA SER B 56 7.51 -17.82 8.89
C SER B 56 7.64 -17.88 10.41
N THR B 57 8.49 -17.01 10.98
CA THR B 57 8.77 -16.98 12.41
C THR B 57 8.57 -15.62 13.06
N TYR B 58 8.21 -15.63 14.35
CA TYR B 58 8.09 -14.44 15.19
C TYR B 58 9.04 -14.66 16.37
N TYR B 59 9.73 -13.59 16.81
CA TYR B 59 10.61 -13.58 17.98
C TYR B 59 10.36 -12.31 18.77
N ALA B 60 10.25 -12.43 20.10
CA ALA B 60 10.08 -11.28 20.98
C ALA B 60 11.37 -10.47 20.91
N ASP B 61 11.27 -9.13 20.96
CA ASP B 61 12.42 -8.23 20.86
C ASP B 61 13.58 -8.56 21.82
N SER B 62 13.25 -9.09 23.01
CA SER B 62 14.21 -9.48 24.04
C SER B 62 15.00 -10.73 23.67
N VAL B 63 14.46 -11.58 22.78
CA VAL B 63 15.10 -12.85 22.39
C VAL B 63 15.60 -12.85 20.93
N LYS B 64 15.30 -11.79 20.16
CA LYS B 64 15.69 -11.64 18.76
C LYS B 64 17.21 -11.76 18.63
N GLY B 65 17.63 -12.71 17.78
CA GLY B 65 19.04 -12.97 17.51
C GLY B 65 19.73 -13.97 18.42
N ARG B 66 19.06 -14.35 19.53
CA ARG B 66 19.61 -15.31 20.49
C ARG B 66 18.90 -16.65 20.39
N PHE B 67 17.56 -16.63 20.22
CA PHE B 67 16.73 -17.83 20.13
C PHE B 67 16.37 -18.14 18.68
N THR B 68 16.17 -19.44 18.39
CA THR B 68 15.78 -19.92 17.06
C THR B 68 14.69 -20.97 17.16
N ILE B 69 13.53 -20.68 16.54
CA ILE B 69 12.41 -21.61 16.49
C ILE B 69 12.49 -22.39 15.19
N SER B 70 12.23 -23.70 15.25
CA SER B 70 12.25 -24.58 14.10
C SER B 70 11.22 -25.67 14.30
N ARG B 71 10.82 -26.35 13.22
CA ARG B 71 9.86 -27.45 13.31
C ARG B 71 10.23 -28.61 12.41
N ASP B 72 9.89 -29.83 12.86
CA ASP B 72 10.08 -31.06 12.12
C ASP B 72 8.68 -31.67 12.02
N ASN B 73 7.94 -31.29 10.98
CA ASN B 73 6.56 -31.75 10.74
C ASN B 73 6.42 -33.27 10.75
N ALA B 74 7.47 -33.98 10.30
CA ALA B 74 7.53 -35.44 10.28
C ALA B 74 7.51 -36.01 11.71
N LYS B 75 8.19 -35.35 12.66
CA LYS B 75 8.26 -35.77 14.06
C LYS B 75 7.23 -35.06 14.96
N ASN B 76 6.36 -34.20 14.37
CA ASN B 76 5.34 -33.41 15.09
C ASN B 76 5.97 -32.61 16.25
N THR B 77 7.22 -32.16 16.05
CA THR B 77 7.99 -31.47 17.08
C THR B 77 8.40 -30.07 16.67
N VAL B 78 8.42 -29.15 17.67
CA VAL B 78 8.85 -27.75 17.59
C VAL B 78 10.03 -27.61 18.54
N TYR B 79 11.07 -26.89 18.10
CA TYR B 79 12.26 -26.68 18.89
C TYR B 79 12.52 -25.21 19.12
N LEU B 80 13.00 -24.87 20.33
CA LEU B 80 13.40 -23.51 20.65
C LEU B 80 14.84 -23.61 21.08
N GLN B 81 15.76 -23.24 20.18
CA GLN B 81 17.18 -23.26 20.45
C GLN B 81 17.49 -21.96 21.13
N MET B 82 17.71 -22.00 22.44
CA MET B 82 18.01 -20.84 23.25
C MET B 82 19.51 -20.71 23.45
N ASN B 83 20.13 -19.70 22.83
CA ASN B 83 21.57 -19.44 22.95
C ASN B 83 21.79 -18.13 23.66
N SER B 84 23.04 -17.87 24.13
CA SER B 84 23.45 -16.64 24.84
C SER B 84 22.43 -16.29 25.93
N LEU B 85 22.11 -17.28 26.79
CA LEU B 85 21.12 -17.13 27.86
C LEU B 85 21.49 -16.06 28.86
N LYS B 86 20.48 -15.32 29.34
CA LYS B 86 20.62 -14.23 30.30
C LYS B 86 19.82 -14.61 31.54
N PRO B 87 20.13 -14.10 32.75
CA PRO B 87 19.29 -14.42 33.92
C PRO B 87 17.80 -14.06 33.75
N GLU B 88 17.48 -13.05 32.89
CA GLU B 88 16.10 -12.60 32.59
C GLU B 88 15.26 -13.64 31.84
N ASP B 89 15.95 -14.60 31.17
CA ASP B 89 15.32 -15.70 30.46
C ASP B 89 14.75 -16.74 31.43
N THR B 90 15.07 -16.64 32.75
CA THR B 90 14.53 -17.51 33.79
C THR B 90 13.02 -17.35 33.81
N ALA B 91 12.34 -18.45 33.47
CA ALA B 91 10.88 -18.56 33.41
C ALA B 91 10.50 -20.02 33.21
N MET B 92 9.22 -20.29 33.34
CA MET B 92 8.61 -21.57 33.06
C MET B 92 8.14 -21.41 31.60
N TYR B 93 8.63 -22.27 30.69
CA TYR B 93 8.30 -22.21 29.27
C TYR B 93 7.22 -23.22 28.88
N TYR B 94 6.17 -22.73 28.20
CA TYR B 94 5.03 -23.52 27.77
C TYR B 94 4.88 -23.50 26.26
N CYS B 95 4.59 -24.66 25.69
CA CYS B 95 4.35 -24.86 24.27
C CYS B 95 2.87 -24.56 23.96
N ALA B 96 2.60 -23.95 22.81
CA ALA B 96 1.24 -23.62 22.38
C ALA B 96 0.99 -23.98 20.92
N ALA B 97 -0.28 -24.22 20.60
CA ALA B 97 -0.72 -24.57 19.25
C ALA B 97 -1.92 -23.73 18.83
N ALA B 98 -2.00 -23.42 17.54
CA ALA B 98 -3.12 -22.70 16.95
C ALA B 98 -3.65 -23.52 15.79
N THR B 99 -4.59 -24.43 16.09
CA THR B 99 -5.25 -25.32 15.10
C THR B 99 -6.74 -25.06 15.09
N THR B 100 -7.35 -25.07 13.90
CA THR B 100 -8.78 -24.80 13.72
C THR B 100 -9.70 -25.93 14.19
N THR B 101 -9.14 -27.08 14.59
CA THR B 101 -9.95 -28.21 15.08
C THR B 101 -10.31 -28.02 16.55
N VAL B 102 -9.45 -27.35 17.34
CA VAL B 102 -9.75 -27.07 18.74
C VAL B 102 -10.01 -25.57 18.94
N ALA B 103 -10.69 -25.23 20.04
CA ALA B 103 -10.95 -23.84 20.39
C ALA B 103 -9.66 -23.23 20.93
N SER B 104 -9.42 -21.94 20.63
CA SER B 104 -8.19 -21.30 21.08
C SER B 104 -8.34 -20.73 22.49
N PRO B 105 -7.51 -21.17 23.45
CA PRO B 105 -7.64 -20.66 24.81
C PRO B 105 -7.11 -19.23 24.98
N PRO B 106 -7.58 -18.47 26.01
CA PRO B 106 -6.94 -17.17 26.29
C PRO B 106 -5.49 -17.45 26.72
N VAL B 107 -4.54 -16.59 26.29
CA VAL B 107 -3.11 -16.70 26.57
C VAL B 107 -2.80 -17.07 28.04
N ARG B 108 -3.48 -16.42 29.02
CA ARG B 108 -3.29 -16.66 30.45
C ARG B 108 -3.37 -18.14 30.85
N HIS B 109 -4.18 -18.95 30.13
CA HIS B 109 -4.37 -20.38 30.36
C HIS B 109 -3.12 -21.19 30.04
N VAL B 110 -2.40 -20.82 28.98
CA VAL B 110 -1.18 -21.51 28.52
C VAL B 110 -0.17 -21.67 29.66
N CYS B 111 0.09 -20.57 30.41
CA CYS B 111 1.04 -20.55 31.51
C CYS B 111 0.45 -21.00 32.85
N ASN B 112 -0.62 -21.79 32.77
CA ASN B 112 -1.29 -22.40 33.90
C ASN B 112 -1.46 -23.90 33.63
N GLY B 113 -0.79 -24.36 32.57
CA GLY B 113 -0.77 -25.75 32.14
C GLY B 113 -2.02 -26.23 31.43
N TYR B 114 -2.57 -25.38 30.52
CA TYR B 114 -3.77 -25.69 29.71
C TYR B 114 -3.52 -26.98 28.94
N TRP B 115 -2.35 -27.08 28.28
CA TRP B 115 -1.93 -28.26 27.52
C TRP B 115 -0.87 -29.02 28.32
N GLY B 116 0.40 -28.69 28.09
CA GLY B 116 1.54 -29.28 28.79
C GLY B 116 1.77 -28.61 30.13
N GLN B 117 2.57 -29.24 31.00
CA GLN B 117 2.83 -28.68 32.33
C GLN B 117 3.96 -27.66 32.33
N GLY B 118 4.64 -27.53 31.18
CA GLY B 118 5.74 -26.59 31.02
C GLY B 118 7.08 -27.15 31.41
N THR B 119 8.15 -26.45 31.01
CA THR B 119 9.53 -26.80 31.29
C THR B 119 10.25 -25.56 31.89
N GLN B 120 10.80 -25.72 33.11
CA GLN B 120 11.50 -24.64 33.83
C GLN B 120 12.91 -24.45 33.33
N VAL B 121 13.27 -23.19 33.03
CA VAL B 121 14.58 -22.73 32.60
C VAL B 121 15.09 -21.79 33.69
N THR B 122 16.26 -22.08 34.26
CA THR B 122 16.84 -21.23 35.28
C THR B 122 18.25 -20.84 34.85
N VAL B 123 18.49 -19.52 34.74
CA VAL B 123 19.77 -18.96 34.31
C VAL B 123 20.39 -18.12 35.44
N SER B 124 21.62 -18.48 35.87
CA SER B 124 22.35 -17.77 36.92
C SER B 124 23.24 -16.66 36.34
N SER B 125 23.62 -15.67 37.18
CA SER B 125 24.46 -14.57 36.74
C SER B 125 25.92 -15.01 36.64
N GLN C 1 17.51 3.60 -31.70
CA GLN C 1 17.88 3.03 -30.40
C GLN C 1 18.15 4.10 -29.33
N VAL C 2 18.44 3.65 -28.10
CA VAL C 2 18.69 4.55 -26.99
C VAL C 2 19.99 5.30 -27.22
N GLN C 3 19.90 6.64 -27.22
CA GLN C 3 21.04 7.52 -27.42
C GLN C 3 21.16 8.54 -26.31
N LEU C 4 22.36 8.64 -25.72
CA LEU C 4 22.70 9.60 -24.68
C LEU C 4 23.85 10.42 -25.19
N VAL C 5 23.77 11.74 -25.02
CA VAL C 5 24.78 12.69 -25.49
C VAL C 5 25.19 13.62 -24.34
N GLU C 6 26.49 13.65 -24.00
CA GLU C 6 27.01 14.52 -22.94
C GLU C 6 27.88 15.63 -23.47
N SER C 7 27.77 16.81 -22.88
CA SER C 7 28.61 17.97 -23.19
C SER C 7 28.78 18.81 -21.90
N GLY C 8 29.76 19.71 -21.85
CA GLY C 8 29.94 20.58 -20.70
C GLY C 8 31.29 20.56 -20.00
N GLY C 9 31.95 19.39 -20.02
CA GLY C 9 33.23 19.17 -19.37
C GLY C 9 34.38 19.97 -19.96
N GLY C 10 35.38 20.23 -19.12
CA GLY C 10 36.57 20.97 -19.52
C GLY C 10 37.54 21.22 -18.39
N SER C 11 38.57 22.03 -18.65
CA SER C 11 39.60 22.39 -17.66
C SER C 11 39.19 23.63 -16.88
N VAL C 12 39.41 23.57 -15.57
CA VAL C 12 39.03 24.60 -14.60
C VAL C 12 39.92 24.47 -13.35
N GLN C 13 39.99 25.53 -12.53
CA GLN C 13 40.75 25.46 -11.29
C GLN C 13 39.77 25.21 -10.13
N ALA C 14 40.27 24.63 -9.03
CA ALA C 14 39.51 24.38 -7.81
C ALA C 14 38.74 25.64 -7.38
N GLY C 15 37.48 25.44 -6.97
CA GLY C 15 36.59 26.52 -6.58
C GLY C 15 35.66 26.92 -7.70
N GLY C 16 36.05 26.56 -8.93
CA GLY C 16 35.32 26.84 -10.15
C GLY C 16 34.01 26.08 -10.28
N SER C 17 33.31 26.32 -11.41
CA SER C 17 32.02 25.71 -11.70
C SER C 17 31.91 25.23 -13.14
N LEU C 18 31.31 24.05 -13.33
CA LEU C 18 31.04 23.51 -14.64
C LEU C 18 29.61 23.01 -14.68
N ARG C 19 28.99 23.04 -15.86
CA ARG C 19 27.64 22.55 -16.02
C ARG C 19 27.65 21.48 -17.09
N LEU C 20 27.36 20.23 -16.69
CA LEU C 20 27.30 19.13 -17.67
C LEU C 20 25.87 18.96 -18.10
N SER C 21 25.67 18.69 -19.40
CA SER C 21 24.34 18.46 -19.98
C SER C 21 24.29 17.09 -20.58
N CYS C 22 23.11 16.47 -20.54
CA CYS C 22 22.88 15.18 -21.17
C CYS C 22 21.53 15.16 -21.85
N THR C 23 21.51 14.98 -23.17
CA THR C 23 20.27 14.90 -23.91
C THR C 23 20.04 13.46 -24.34
N ALA C 24 18.84 12.96 -24.07
CA ALA C 24 18.41 11.60 -24.32
C ALA C 24 17.39 11.49 -25.45
N SER C 25 17.39 10.32 -26.11
CA SER C 25 16.47 9.95 -27.21
C SER C 25 16.36 8.42 -27.29
N GLY C 26 15.24 7.94 -27.83
CA GLY C 26 15.00 6.51 -28.00
C GLY C 26 14.13 5.87 -26.95
N PHE C 27 13.73 6.63 -25.93
CA PHE C 27 12.87 6.15 -24.84
C PHE C 27 12.03 7.30 -24.26
N THR C 28 10.95 6.96 -23.53
CA THR C 28 10.09 7.94 -22.87
C THR C 28 10.90 8.51 -21.73
N PHE C 29 11.32 9.76 -21.87
CA PHE C 29 12.19 10.44 -20.92
C PHE C 29 11.54 10.72 -19.56
N ASP C 30 10.32 11.27 -19.56
CA ASP C 30 9.54 11.67 -18.37
C ASP C 30 9.41 10.58 -17.31
N ASP C 31 9.26 9.31 -17.74
CA ASP C 31 9.10 8.12 -16.88
C ASP C 31 10.44 7.55 -16.36
N SER C 32 11.57 7.95 -16.98
CA SER C 32 12.90 7.44 -16.66
C SER C 32 13.63 8.14 -15.56
N ASP C 33 14.55 7.41 -14.93
CA ASP C 33 15.45 7.89 -13.90
C ASP C 33 16.76 8.16 -14.63
N MET C 34 17.32 9.34 -14.42
CA MET C 34 18.55 9.73 -15.10
C MET C 34 19.65 9.97 -14.10
N GLY C 35 20.87 9.67 -14.49
CA GLY C 35 22.01 9.85 -13.61
C GLY C 35 23.33 10.16 -14.29
N TRP C 36 24.33 10.47 -13.46
CA TRP C 36 25.69 10.78 -13.88
C TRP C 36 26.64 9.89 -13.14
N TYR C 37 27.45 9.13 -13.88
CA TYR C 37 28.52 8.27 -13.38
C TYR C 37 29.85 8.96 -13.70
N HIS C 38 30.90 8.60 -12.99
CA HIS C 38 32.24 9.14 -13.23
C HIS C 38 33.30 8.10 -12.94
N GLN C 39 34.45 8.24 -13.61
CA GLN C 39 35.57 7.34 -13.45
C GLN C 39 36.86 8.10 -13.63
N ALA C 40 37.62 8.17 -12.54
CA ALA C 40 38.93 8.77 -12.50
C ALA C 40 39.86 7.61 -12.83
N PRO C 41 41.03 7.81 -13.49
CA PRO C 41 41.88 6.64 -13.81
C PRO C 41 42.34 5.93 -12.54
N GLY C 42 42.17 4.60 -12.53
CA GLY C 42 42.52 3.76 -11.40
C GLY C 42 41.38 3.48 -10.45
N ASN C 43 40.27 4.23 -10.60
CA ASN C 43 39.07 4.07 -9.79
C ASN C 43 37.95 3.42 -10.59
N GLU C 44 36.92 2.91 -9.89
CA GLU C 44 35.77 2.25 -10.49
C GLU C 44 34.76 3.27 -11.03
N CYS C 45 33.80 2.79 -11.85
CA CYS C 45 32.69 3.59 -12.38
C CYS C 45 31.70 3.78 -11.21
N GLU C 46 31.53 5.02 -10.76
CA GLU C 46 30.67 5.31 -9.61
C GLU C 46 29.63 6.36 -9.91
N LEU C 47 28.42 6.15 -9.37
CA LEU C 47 27.31 7.07 -9.51
C LEU C 47 27.57 8.32 -8.67
N VAL C 48 27.61 9.48 -9.33
CA VAL C 48 27.85 10.79 -8.70
C VAL C 48 26.52 11.27 -8.14
N SER C 49 25.52 11.37 -9.02
CA SER C 49 24.19 11.89 -8.72
C SER C 49 23.15 11.29 -9.64
N ALA C 50 21.89 11.25 -9.18
CA ALA C 50 20.75 10.73 -9.95
C ALA C 50 19.47 11.51 -9.63
N ILE C 51 18.65 11.72 -10.67
CA ILE C 51 17.35 12.39 -10.58
C ILE C 51 16.29 11.38 -11.02
N PHE C 52 15.38 11.03 -10.11
CA PHE C 52 14.37 10.03 -10.37
C PHE C 52 13.14 10.62 -11.04
N SER C 53 12.31 9.74 -11.68
CA SER C 53 11.07 10.12 -12.38
C SER C 53 10.16 11.00 -11.54
N ASP C 54 10.03 10.66 -10.23
CA ASP C 54 9.26 11.34 -9.19
C ASP C 54 9.86 12.67 -8.68
N GLY C 55 10.96 13.12 -9.30
CA GLY C 55 11.62 14.38 -8.99
C GLY C 55 12.72 14.32 -7.94
N SER C 56 12.73 13.25 -7.10
CA SER C 56 13.72 13.08 -6.04
C SER C 56 15.14 12.92 -6.57
N THR C 57 16.13 13.27 -5.72
CA THR C 57 17.54 13.27 -6.09
C THR C 57 18.42 12.47 -5.14
N TYR C 58 19.51 11.92 -5.69
CA TYR C 58 20.55 11.23 -4.96
C TYR C 58 21.85 11.95 -5.28
N TYR C 59 22.72 12.11 -4.27
CA TYR C 59 24.04 12.72 -4.41
C TYR C 59 25.03 11.89 -3.60
N ALA C 60 26.19 11.59 -4.19
CA ALA C 60 27.25 10.86 -3.50
C ALA C 60 27.75 11.77 -2.38
N ASP C 61 28.11 11.18 -1.23
CA ASP C 61 28.56 11.92 -0.04
C ASP C 61 29.67 12.95 -0.33
N SER C 62 30.56 12.63 -1.29
CA SER C 62 31.67 13.49 -1.69
C SER C 62 31.22 14.73 -2.47
N VAL C 63 30.02 14.69 -3.07
CA VAL C 63 29.52 15.81 -3.88
C VAL C 63 28.31 16.52 -3.25
N LYS C 64 27.80 15.99 -2.12
CA LYS C 64 26.65 16.53 -1.39
C LYS C 64 26.90 17.99 -1.02
N GLY C 65 25.99 18.86 -1.45
CA GLY C 65 26.05 20.30 -1.17
C GLY C 65 26.83 21.13 -2.16
N ARG C 66 27.56 20.48 -3.10
CA ARG C 66 28.37 21.15 -4.11
C ARG C 66 27.73 21.02 -5.48
N PHE C 67 27.21 19.82 -5.80
CA PHE C 67 26.60 19.52 -7.09
C PHE C 67 25.09 19.56 -7.01
N THR C 68 24.43 19.90 -8.14
CA THR C 68 22.97 19.94 -8.24
C THR C 68 22.52 19.29 -9.54
N ILE C 69 21.70 18.23 -9.41
CA ILE C 69 21.13 17.55 -10.56
C ILE C 69 19.75 18.12 -10.81
N SER C 70 19.41 18.36 -12.07
CA SER C 70 18.11 18.89 -12.47
C SER C 70 17.74 18.30 -13.83
N ARG C 71 16.46 18.38 -14.18
CA ARG C 71 16.01 17.87 -15.47
C ARG C 71 14.98 18.77 -16.10
N ASP C 72 14.99 18.82 -17.44
CA ASP C 72 14.03 19.57 -18.24
C ASP C 72 13.40 18.52 -19.15
N ASN C 73 12.34 17.87 -18.65
CA ASN C 73 11.61 16.83 -19.39
C ASN C 73 11.19 17.24 -20.80
N ALA C 74 10.89 18.54 -20.98
CA ALA C 74 10.52 19.13 -22.27
C ALA C 74 11.67 19.05 -23.25
N LYS C 75 12.90 19.27 -22.80
CA LYS C 75 14.11 19.24 -23.62
C LYS C 75 14.85 17.87 -23.58
N ASN C 76 14.29 16.87 -22.87
CA ASN C 76 14.87 15.54 -22.69
C ASN C 76 16.31 15.63 -22.17
N THR C 77 16.59 16.64 -21.33
CA THR C 77 17.94 16.93 -20.85
C THR C 77 18.03 16.88 -19.34
N VAL C 78 19.19 16.41 -18.85
CA VAL C 78 19.61 16.32 -17.45
C VAL C 78 20.85 17.19 -17.30
N TYR C 79 20.90 17.96 -16.22
CA TYR C 79 22.02 18.84 -15.95
C TYR C 79 22.69 18.50 -14.63
N LEU C 80 24.01 18.62 -14.61
CA LEU C 80 24.77 18.44 -13.39
C LEU C 80 25.52 19.73 -13.18
N GLN C 81 25.01 20.58 -12.28
CA GLN C 81 25.65 21.85 -11.96
C GLN C 81 26.69 21.55 -10.92
N MET C 82 27.95 21.55 -11.35
CA MET C 82 29.08 21.25 -10.46
C MET C 82 29.68 22.56 -9.97
N ASN C 83 29.53 22.85 -8.68
CA ASN C 83 30.09 24.05 -8.06
C ASN C 83 31.15 23.65 -7.05
N SER C 84 31.98 24.63 -6.60
CA SER C 84 33.06 24.43 -5.62
C SER C 84 33.89 23.18 -5.98
N LEU C 85 34.35 23.12 -7.25
CA LEU C 85 35.10 21.98 -7.77
C LEU C 85 36.42 21.74 -7.04
N LYS C 86 36.76 20.48 -6.85
CA LYS C 86 37.97 20.04 -6.15
C LYS C 86 38.82 19.24 -7.14
N PRO C 87 40.16 19.11 -6.98
CA PRO C 87 40.92 18.28 -7.93
C PRO C 87 40.45 16.83 -8.00
N GLU C 88 39.83 16.29 -6.92
CA GLU C 88 39.27 14.93 -6.82
C GLU C 88 38.10 14.69 -7.76
N ASP C 89 37.43 15.78 -8.19
CA ASP C 89 36.32 15.74 -9.12
C ASP C 89 36.80 15.43 -10.55
N THR C 90 38.14 15.46 -10.79
CA THR C 90 38.73 15.11 -12.08
C THR C 90 38.37 13.68 -12.41
N ALA C 91 37.60 13.51 -13.47
CA ALA C 91 37.12 12.23 -13.99
C ALA C 91 36.45 12.45 -15.34
N MET C 92 36.15 11.33 -16.00
CA MET C 92 35.41 11.29 -17.23
C MET C 92 33.99 11.03 -16.73
N TYR C 93 33.05 11.95 -17.05
CA TYR C 93 31.66 11.86 -16.61
C TYR C 93 30.76 11.29 -17.70
N TYR C 94 29.97 10.27 -17.33
CA TYR C 94 29.06 9.57 -18.24
C TYR C 94 27.63 9.66 -17.75
N CYS C 95 26.73 9.91 -18.68
CA CYS C 95 25.31 10.00 -18.45
C CYS C 95 24.68 8.59 -18.51
N ALA C 96 23.69 8.33 -17.65
CA ALA C 96 23.02 7.03 -17.59
C ALA C 96 21.52 7.16 -17.49
N ALA C 97 20.81 6.13 -17.96
CA ALA C 97 19.36 6.09 -17.93
C ALA C 97 18.87 4.77 -17.37
N ALA C 98 17.74 4.82 -16.65
CA ALA C 98 17.11 3.63 -16.09
C ALA C 98 15.66 3.62 -16.58
N THR C 99 15.47 3.03 -17.77
CA THR C 99 14.17 2.87 -18.42
C THR C 99 13.95 1.38 -18.62
N THR C 100 12.73 0.93 -18.31
CA THR C 100 12.36 -0.48 -18.39
C THR C 100 12.12 -0.96 -19.83
N THR C 101 12.22 -0.06 -20.84
CA THR C 101 12.09 -0.44 -22.24
C THR C 101 13.39 -1.06 -22.78
N VAL C 102 14.54 -0.61 -22.27
CA VAL C 102 15.83 -1.19 -22.66
C VAL C 102 16.43 -2.00 -21.52
N ALA C 103 17.34 -2.93 -21.84
CA ALA C 103 18.01 -3.76 -20.84
C ALA C 103 18.98 -2.89 -20.05
N SER C 104 19.10 -3.11 -18.72
CA SER C 104 20.01 -2.31 -17.91
C SER C 104 21.41 -2.88 -17.93
N PRO C 105 22.42 -2.10 -18.37
CA PRO C 105 23.78 -2.65 -18.42
C PRO C 105 24.44 -2.70 -17.04
N PRO C 106 25.46 -3.58 -16.83
CA PRO C 106 26.22 -3.50 -15.57
C PRO C 106 26.90 -2.14 -15.51
N VAL C 107 26.97 -1.51 -14.32
CA VAL C 107 27.55 -0.18 -14.07
C VAL C 107 28.90 0.01 -14.79
N ARG C 108 29.81 -1.01 -14.74
CA ARG C 108 31.13 -0.98 -15.37
C ARG C 108 31.11 -0.59 -16.86
N HIS C 109 30.02 -0.93 -17.58
CA HIS C 109 29.82 -0.62 -19.00
C HIS C 109 29.62 0.86 -19.25
N VAL C 110 28.91 1.57 -18.35
CA VAL C 110 28.63 3.00 -18.46
C VAL C 110 29.91 3.81 -18.68
N CYS C 111 30.96 3.53 -17.89
CA CYS C 111 32.25 4.23 -17.97
C CYS C 111 33.22 3.63 -18.99
N ASN C 112 32.65 2.93 -19.97
CA ASN C 112 33.35 2.33 -21.09
C ASN C 112 32.66 2.76 -22.40
N GLY C 113 31.74 3.70 -22.27
CA GLY C 113 31.00 4.30 -23.37
C GLY C 113 29.87 3.45 -23.92
N TYR C 114 29.11 2.79 -23.01
CA TYR C 114 27.96 1.96 -23.38
C TYR C 114 26.96 2.76 -24.20
N TRP C 115 26.62 3.98 -23.72
CA TRP C 115 25.73 4.91 -24.40
C TRP C 115 26.57 6.04 -25.03
N GLY C 116 26.77 7.12 -24.30
CA GLY C 116 27.58 8.25 -24.75
C GLY C 116 29.05 8.00 -24.54
N GLN C 117 29.90 8.83 -25.15
CA GLN C 117 31.34 8.66 -25.02
C GLN C 117 31.91 9.34 -23.79
N GLY C 118 31.07 10.10 -23.09
CA GLY C 118 31.46 10.79 -21.87
C GLY C 118 32.06 12.18 -22.13
N THR C 119 32.15 12.97 -21.06
CA THR C 119 32.70 14.31 -21.06
C THR C 119 33.77 14.42 -19.94
N GLN C 120 35.01 14.78 -20.32
CA GLN C 120 36.13 14.92 -19.39
C GLN C 120 36.10 16.24 -18.64
N VAL C 121 36.24 16.15 -17.30
CA VAL C 121 36.34 17.27 -16.36
C VAL C 121 37.72 17.20 -15.72
N THR C 122 38.50 18.28 -15.83
CA THR C 122 39.82 18.34 -15.23
C THR C 122 39.90 19.55 -14.30
N VAL C 123 40.21 19.30 -13.01
CA VAL C 123 40.29 20.34 -11.99
C VAL C 123 41.72 20.42 -11.41
N SER C 124 42.35 21.62 -11.49
CA SER C 124 43.70 21.85 -10.95
C SER C 124 43.65 22.33 -9.50
N SER C 125 44.76 22.18 -8.76
CA SER C 125 44.83 22.62 -7.36
C SER C 125 44.97 24.12 -7.25
N HIS C 126 44.54 24.69 -6.10
CA HIS C 126 44.49 26.12 -5.82
C HIS C 126 44.66 26.31 -4.34
N HIS C 127 45.74 26.99 -3.91
CA HIS C 127 46.09 27.32 -2.51
C HIS C 127 46.80 28.69 -2.46
N HIS C 128 46.91 29.34 -1.25
CA HIS C 128 47.70 30.59 -1.14
C HIS C 128 49.17 30.19 -0.95
N HIS C 129 50.06 30.74 -1.80
CA HIS C 129 51.52 30.51 -1.88
C HIS C 129 51.84 29.00 -1.99
N ASP D 47 -4.03 30.26 1.02
CA ASP D 47 -5.00 29.76 2.01
C ASP D 47 -5.58 28.42 1.58
N VAL D 48 -5.97 27.61 2.58
CA VAL D 48 -6.56 26.28 2.39
C VAL D 48 -8.07 26.41 2.64
N SER D 49 -8.89 25.76 1.81
CA SER D 49 -10.34 25.77 1.97
C SER D 49 -10.75 24.82 3.09
N VAL D 50 -12.00 24.92 3.58
CA VAL D 50 -12.56 24.02 4.59
C VAL D 50 -12.46 22.57 4.07
N ASP D 51 -12.84 22.34 2.80
CA ASP D 51 -12.79 21.03 2.15
C ASP D 51 -11.36 20.49 2.09
N GLY D 52 -10.42 21.35 1.72
CA GLY D 52 -9.00 21.04 1.66
C GLY D 52 -8.45 20.66 3.01
N ASP D 53 -8.82 21.47 4.04
CA ASP D 53 -8.42 21.28 5.43
C ASP D 53 -8.98 19.97 5.96
N PHE D 54 -10.27 19.66 5.70
CA PHE D 54 -10.94 18.42 6.14
C PHE D 54 -10.23 17.19 5.62
N THR D 55 -9.87 17.18 4.32
CA THR D 55 -9.15 16.09 3.65
C THR D 55 -7.75 15.92 4.29
N MET D 56 -7.04 17.04 4.44
CA MET D 56 -5.71 17.09 5.05
C MET D 56 -5.71 16.63 6.48
N LYS D 57 -6.76 16.96 7.26
CA LYS D 57 -6.88 16.51 8.65
C LYS D 57 -7.32 15.06 8.75
N LYS D 58 -8.24 14.60 7.86
CA LYS D 58 -8.74 13.23 7.81
C LYS D 58 -7.60 12.19 7.71
N PHE D 59 -6.65 12.43 6.78
CA PHE D 59 -5.52 11.53 6.55
C PHE D 59 -4.20 12.02 7.16
N ALA D 60 -4.27 13.00 8.08
CA ALA D 60 -3.10 13.59 8.76
C ALA D 60 -2.13 12.58 9.35
N ASP D 61 -2.64 11.50 9.92
CA ASP D 61 -1.83 10.44 10.54
C ASP D 61 -1.89 9.12 9.75
N SER D 62 -2.20 9.21 8.45
CA SER D 62 -2.30 8.04 7.59
C SER D 62 -1.19 8.03 6.55
N TYR D 63 -0.80 6.81 6.12
CA TYR D 63 0.21 6.58 5.09
CA TYR D 63 0.21 6.61 5.08
C TYR D 63 -0.50 6.28 3.76
N VAL D 64 -1.74 5.76 3.85
CA VAL D 64 -2.57 5.41 2.71
C VAL D 64 -3.90 6.19 2.78
N ALA D 65 -4.41 6.61 1.62
CA ALA D 65 -5.68 7.32 1.45
C ALA D 65 -6.42 6.76 0.24
N PHE D 66 -7.75 6.70 0.32
CA PHE D 66 -8.60 6.20 -0.75
C PHE D 66 -9.62 7.26 -1.17
N PHE D 67 -9.75 7.44 -2.50
CA PHE D 67 -10.69 8.39 -3.12
C PHE D 67 -11.35 7.76 -4.31
N ALA D 68 -12.65 7.98 -4.44
CA ALA D 68 -13.46 7.54 -5.56
C ALA D 68 -14.67 8.49 -5.69
N ASN D 69 -15.33 8.43 -6.83
CA ASN D 69 -16.48 9.28 -7.10
C ASN D 69 -17.75 8.43 -7.04
N LYS D 70 -18.58 8.75 -6.03
CA LYS D 70 -19.88 8.21 -5.67
C LYS D 70 -20.82 7.97 -6.89
N GLY D 71 -20.99 9.01 -7.70
CA GLY D 71 -21.85 8.98 -8.88
C GLY D 71 -21.04 8.87 -10.15
N SER D 72 -21.43 7.92 -11.01
CA SER D 72 -20.88 7.54 -12.32
C SER D 72 -19.64 6.63 -12.21
N GLY D 73 -18.58 7.12 -11.57
CA GLY D 73 -17.35 6.37 -11.34
C GLY D 73 -16.34 6.34 -12.48
N ASN D 74 -16.58 7.11 -13.55
CA ASN D 74 -15.71 7.20 -14.72
C ASN D 74 -14.48 8.13 -14.49
N THR D 75 -14.62 9.09 -13.57
CA THR D 75 -13.64 10.11 -13.23
C THR D 75 -13.48 10.24 -11.70
N VAL D 76 -12.32 10.73 -11.23
CA VAL D 76 -12.08 11.02 -9.81
C VAL D 76 -11.36 12.34 -9.71
N THR D 77 -11.87 13.21 -8.86
CA THR D 77 -11.32 14.51 -8.52
C THR D 77 -11.16 14.48 -7.01
N PHE D 78 -9.97 14.87 -6.52
CA PHE D 78 -9.65 14.86 -5.10
C PHE D 78 -8.48 15.79 -4.81
N THR D 79 -8.26 16.06 -3.51
CA THR D 79 -7.14 16.86 -3.02
C THR D 79 -6.15 15.92 -2.31
N ALA D 80 -4.87 15.97 -2.69
CA ALA D 80 -3.84 15.13 -2.07
C ALA D 80 -3.64 15.58 -0.62
N PRO D 81 -3.82 14.68 0.41
CA PRO D 81 -3.64 15.12 1.81
C PRO D 81 -2.21 15.42 2.19
N TRP D 82 -1.27 14.87 1.40
CA TRP D 82 0.18 14.99 1.53
C TRP D 82 0.84 14.63 0.20
N ASP D 83 2.14 14.92 0.04
CA ASP D 83 2.93 14.57 -1.14
C ASP D 83 2.89 13.04 -1.26
N CYS D 84 2.50 12.54 -2.45
CA CYS D 84 2.35 11.10 -2.62
C CYS D 84 2.55 10.59 -4.06
N THR D 85 2.36 9.26 -4.19
CA THR D 85 2.33 8.46 -5.40
C THR D 85 0.90 7.96 -5.48
N ALA D 86 0.27 8.08 -6.64
CA ALA D 86 -1.10 7.63 -6.83
C ALA D 86 -1.15 6.33 -7.59
N GLU D 87 -2.00 5.42 -7.14
CA GLU D 87 -2.26 4.15 -7.79
C GLU D 87 -3.73 4.22 -8.18
N VAL D 88 -3.98 4.51 -9.44
CA VAL D 88 -5.34 4.69 -9.97
C VAL D 88 -5.80 3.41 -10.67
N GLU D 89 -6.93 2.85 -10.19
CA GLU D 89 -7.53 1.64 -10.74
C GLU D 89 -8.88 1.98 -11.33
N LEU D 90 -9.05 1.72 -12.62
CA LEU D 90 -10.33 1.95 -13.27
C LEU D 90 -10.97 0.63 -13.66
N PHE D 91 -11.97 0.23 -12.87
CA PHE D 91 -12.79 -0.95 -13.09
C PHE D 91 -13.76 -0.51 -14.17
N TYR D 92 -13.82 -1.27 -15.27
CA TYR D 92 -14.61 -0.89 -16.42
C TYR D 92 -15.13 -2.11 -17.14
N HIS D 93 -16.32 -1.99 -17.71
CA HIS D 93 -16.95 -3.05 -18.49
C HIS D 93 -17.46 -2.40 -19.75
N GLY D 94 -17.28 -3.05 -20.89
CA GLY D 94 -17.73 -2.51 -22.17
C GLY D 94 -17.47 -3.38 -23.38
N TRP D 95 -17.82 -2.85 -24.56
CA TRP D 95 -17.60 -3.50 -25.85
C TRP D 95 -17.16 -2.42 -26.83
N GLY D 96 -16.38 -2.80 -27.84
CA GLY D 96 -15.93 -1.88 -28.87
C GLY D 96 -17.04 -1.56 -29.85
N TYR D 97 -16.95 -0.40 -30.54
CA TYR D 97 -17.95 0.04 -31.52
C TYR D 97 -18.19 -1.06 -32.57
N SER D 98 -19.44 -1.59 -32.65
CA SER D 98 -19.91 -2.68 -33.54
C SER D 98 -19.06 -3.94 -33.37
N GLY D 99 -18.78 -4.30 -32.11
CA GLY D 99 -17.89 -5.39 -31.74
C GLY D 99 -16.48 -4.90 -31.96
N GLY D 100 -15.52 -5.80 -32.06
CA GLY D 100 -14.15 -5.38 -32.34
C GLY D 100 -13.40 -4.70 -31.21
N GLU D 101 -12.11 -4.42 -31.49
CA GLU D 101 -11.09 -3.87 -30.60
C GLU D 101 -11.41 -2.51 -29.99
N TRP D 102 -11.03 -2.38 -28.71
CA TRP D 102 -11.13 -1.19 -27.87
C TRP D 102 -10.13 -1.33 -26.74
N GLU D 103 -9.20 -0.36 -26.64
CA GLU D 103 -8.17 -0.31 -25.60
C GLU D 103 -8.31 1.01 -24.85
N ILE D 104 -8.36 0.92 -23.51
CA ILE D 104 -8.50 2.08 -22.62
C ILE D 104 -7.33 2.24 -21.65
N GLY D 105 -7.13 3.46 -21.17
CA GLY D 105 -6.11 3.81 -20.21
C GLY D 105 -6.61 4.92 -19.30
N ILE D 106 -5.72 5.51 -18.50
CA ILE D 106 -6.06 6.61 -17.60
C ILE D 106 -5.27 7.85 -18.04
N THR D 107 -5.86 9.05 -17.81
CA THR D 107 -5.25 10.33 -18.19
C THR D 107 -4.13 10.72 -17.24
N THR D 108 -3.23 11.61 -17.68
CA THR D 108 -2.13 12.11 -16.84
C THR D 108 -2.39 13.62 -16.55
N PRO D 109 -2.85 13.98 -15.33
CA PRO D 109 -3.10 15.40 -15.02
C PRO D 109 -1.80 16.21 -14.99
N SER D 110 -1.88 17.52 -15.25
CA SER D 110 -0.74 18.43 -15.24
C SER D 110 0.09 18.33 -13.95
N GLY D 111 1.39 18.20 -14.10
CA GLY D 111 2.33 18.11 -12.98
C GLY D 111 2.68 16.71 -12.58
N LEU D 112 1.93 15.73 -13.07
CA LEU D 112 2.16 14.33 -12.73
C LEU D 112 2.88 13.56 -13.83
N THR D 113 3.50 12.44 -13.44
CA THR D 113 4.23 11.57 -14.33
C THR D 113 3.61 10.19 -14.23
N GLN D 114 3.13 9.67 -15.37
CA GLN D 114 2.55 8.33 -15.38
C GLN D 114 3.70 7.34 -15.47
N ILE D 115 4.14 6.86 -14.31
CA ILE D 115 5.26 5.93 -14.18
C ILE D 115 4.97 4.65 -14.93
N TYR D 116 3.81 4.04 -14.68
CA TYR D 116 3.41 2.79 -15.33
C TYR D 116 1.94 2.82 -15.71
N GLU D 117 1.56 2.05 -16.74
CA GLU D 117 0.16 1.96 -17.20
C GLU D 117 -0.14 0.59 -17.76
N ALA D 118 -1.15 -0.05 -17.19
CA ALA D 118 -1.67 -1.36 -17.60
C ALA D 118 -3.00 -1.06 -18.25
N THR D 119 -3.03 -0.99 -19.58
CA THR D 119 -4.23 -0.69 -20.38
C THR D 119 -5.24 -1.85 -20.36
N GLY D 120 -6.52 -1.50 -20.45
CA GLY D 120 -7.63 -2.45 -20.49
C GLY D 120 -8.03 -2.67 -21.93
N TYR D 121 -8.37 -3.92 -22.28
CA TYR D 121 -8.73 -4.25 -23.66
C TYR D 121 -9.89 -5.26 -23.75
N THR D 122 -10.71 -5.12 -24.80
CA THR D 122 -11.81 -6.01 -25.12
C THR D 122 -11.99 -6.12 -26.65
N ASN D 123 -12.55 -7.24 -27.10
CA ASN D 123 -12.73 -7.50 -28.53
C ASN D 123 -14.02 -8.30 -28.75
N GLY D 124 -14.82 -7.88 -29.74
CA GLY D 124 -16.08 -8.51 -30.11
C GLY D 124 -17.23 -8.28 -29.13
N HIS D 125 -18.09 -9.31 -28.96
CA HIS D 125 -19.28 -9.35 -28.07
C HIS D 125 -20.11 -8.04 -28.11
N ASP D 126 -20.47 -7.58 -29.32
CA ASP D 126 -21.24 -6.35 -29.52
C ASP D 126 -22.51 -6.31 -28.67
N ASN D 127 -22.75 -5.14 -28.04
CA ASN D 127 -23.88 -4.80 -27.17
C ASN D 127 -23.90 -5.59 -25.83
N GLN D 128 -22.76 -6.19 -25.46
CA GLN D 128 -22.58 -6.93 -24.21
C GLN D 128 -21.34 -6.39 -23.52
N ALA D 129 -21.47 -5.82 -22.31
CA ALA D 129 -20.29 -5.27 -21.64
C ALA D 129 -19.51 -6.36 -20.90
N ILE D 130 -18.19 -6.40 -21.14
CA ILE D 130 -17.27 -7.36 -20.53
C ILE D 130 -16.18 -6.60 -19.79
N SER D 131 -15.73 -7.15 -18.63
CA SER D 131 -14.66 -6.58 -17.79
C SER D 131 -13.41 -6.27 -18.64
N MET D 132 -12.91 -5.02 -18.51
CA MET D 132 -11.72 -4.53 -19.21
C MET D 132 -11.01 -3.49 -18.31
N PRO D 133 -10.60 -3.89 -17.05
CA PRO D 133 -9.97 -2.92 -16.16
C PRO D 133 -8.62 -2.41 -16.61
N THR D 134 -8.38 -1.14 -16.31
CA THR D 134 -7.12 -0.46 -16.57
C THR D 134 -6.57 0.06 -15.24
N LYS D 135 -5.24 0.23 -15.16
CA LYS D 135 -4.60 0.69 -13.95
C LYS D 135 -3.36 1.48 -14.32
N ALA D 136 -3.05 2.53 -13.57
CA ALA D 136 -1.86 3.35 -13.83
C ALA D 136 -1.28 3.89 -12.53
N ILE D 137 0.05 4.10 -12.50
CA ILE D 137 0.75 4.62 -11.32
C ILE D 137 1.36 5.98 -11.67
N TYR D 138 1.16 6.95 -10.78
CA TYR D 138 1.59 8.34 -10.96
C TYR D 138 2.45 8.82 -9.83
N SER D 139 3.47 9.59 -10.15
CA SER D 139 4.34 10.24 -9.16
C SER D 139 4.17 11.76 -9.29
N GLY D 140 4.59 12.48 -8.26
CA GLY D 140 4.56 13.94 -8.25
C GLY D 140 3.35 14.65 -7.70
N LEU D 141 2.46 13.93 -7.00
CA LEU D 141 1.27 14.53 -6.36
C LEU D 141 1.72 15.35 -5.16
N LYS D 142 1.16 16.55 -5.01
CA LYS D 142 1.56 17.49 -3.96
C LYS D 142 0.46 17.80 -2.96
N LYS D 143 0.84 17.95 -1.68
CA LYS D 143 -0.06 18.27 -0.55
C LYS D 143 -0.92 19.48 -0.92
N GLY D 144 -2.22 19.33 -0.71
CA GLY D 144 -3.18 20.39 -0.96
C GLY D 144 -3.61 20.59 -2.39
N LEU D 145 -2.96 19.94 -3.35
CA LEU D 145 -3.32 20.10 -4.76
C LEU D 145 -4.44 19.17 -5.19
N GLN D 146 -5.32 19.68 -6.08
CA GLN D 146 -6.45 18.93 -6.61
C GLN D 146 -6.08 18.31 -7.94
N TYR D 147 -6.43 17.02 -8.10
CA TYR D 147 -6.14 16.25 -9.33
C TYR D 147 -7.38 15.60 -9.88
N THR D 148 -7.45 15.48 -11.21
CA THR D 148 -8.57 14.85 -11.89
C THR D 148 -8.08 13.80 -12.87
N PHE D 149 -8.53 12.55 -12.67
CA PHE D 149 -8.18 11.43 -13.54
C PHE D 149 -9.42 10.98 -14.31
N ASP D 150 -9.26 10.69 -15.61
CA ASP D 150 -10.35 10.22 -16.45
C ASP D 150 -9.88 8.99 -17.24
N ILE D 151 -10.82 8.31 -17.91
CA ILE D 151 -10.59 7.22 -18.86
C ILE D 151 -10.11 7.90 -20.15
N ARG D 152 -9.21 7.22 -20.85
CA ARG D 152 -8.71 7.67 -22.14
C ARG D 152 -8.78 6.50 -23.10
N ASP D 153 -9.03 6.79 -24.40
CA ASP D 153 -9.07 5.74 -25.41
C ASP D 153 -7.66 5.63 -25.95
N ALA D 154 -7.03 4.47 -25.76
CA ALA D 154 -5.67 4.19 -26.19
C ALA D 154 -5.66 3.72 -27.66
N ASN D 155 -6.57 2.80 -28.02
CA ASN D 155 -6.76 2.24 -29.36
C ASN D 155 -8.24 1.90 -29.56
N GLY D 156 -8.66 1.89 -30.82
CA GLY D 156 -10.04 1.56 -31.18
C GLY D 156 -11.08 2.57 -30.75
N ARG D 157 -12.36 2.20 -30.91
CA ARG D 157 -13.50 3.05 -30.55
C ARG D 157 -14.41 2.38 -29.54
N GLY D 158 -14.99 3.20 -28.66
CA GLY D 158 -15.93 2.75 -27.65
C GLY D 158 -17.28 2.38 -28.21
N GLY D 159 -17.86 1.32 -27.64
CA GLY D 159 -19.17 0.82 -28.05
C GLY D 159 -20.24 1.07 -27.02
N GLY D 160 -19.82 1.20 -25.76
CA GLY D 160 -20.73 1.44 -24.65
C GLY D 160 -20.17 0.92 -23.33
N PRO D 161 -20.27 1.71 -22.24
CA PRO D 161 -19.72 1.26 -20.95
C PRO D 161 -20.77 0.70 -19.99
N LYS D 162 -20.31 -0.02 -18.96
CA LYS D 162 -21.15 -0.55 -17.88
C LYS D 162 -20.35 -0.65 -16.59
N HIS D 163 -20.97 -0.26 -15.49
CA HIS D 163 -20.44 -0.26 -14.12
C HIS D 163 -18.97 0.19 -14.02
N PRO D 164 -18.62 1.42 -14.46
CA PRO D 164 -17.23 1.88 -14.28
C PRO D 164 -17.01 2.40 -12.85
N MET D 165 -15.82 2.15 -12.30
CA MET D 165 -15.48 2.61 -10.97
C MET D 165 -14.00 2.88 -10.87
N MET D 166 -13.66 4.15 -10.69
CA MET D 166 -12.28 4.57 -10.55
C MET D 166 -11.97 4.73 -9.07
N ILE D 167 -10.94 4.01 -8.59
CA ILE D 167 -10.50 4.03 -7.20
C ILE D 167 -9.03 4.47 -7.15
N VAL D 168 -8.78 5.54 -6.40
CA VAL D 168 -7.46 6.14 -6.22
C VAL D 168 -6.90 5.70 -4.88
N LYS D 169 -5.66 5.16 -4.87
CA LYS D 169 -4.92 4.80 -3.65
C LYS D 169 -3.73 5.72 -3.60
N LEU D 170 -3.55 6.42 -2.49
CA LEU D 170 -2.42 7.33 -2.36
C LEU D 170 -1.45 6.80 -1.34
N TYR D 171 -0.17 6.75 -1.70
CA TYR D 171 0.86 6.26 -0.80
C TYR D 171 1.73 7.45 -0.44
N ARG D 172 1.65 7.89 0.81
CA ARG D 172 2.39 9.02 1.37
C ARG D 172 3.90 8.86 1.22
N ASN D 173 4.57 9.93 0.76
CA ASN D 173 6.02 9.97 0.61
C ASN D 173 6.62 10.30 1.99
N ALA D 174 7.69 9.59 2.38
CA ALA D 174 8.34 9.82 3.67
C ALA D 174 9.28 11.06 3.57
N ASP E 47 -9.85 -10.85 27.18
CA ASP E 47 -8.67 -11.69 26.97
C ASP E 47 -8.48 -12.01 25.49
N VAL E 48 -7.22 -12.25 25.10
CA VAL E 48 -6.84 -12.60 23.72
C VAL E 48 -6.52 -14.09 23.67
N SER E 49 -7.00 -14.78 22.61
CA SER E 49 -6.76 -16.20 22.41
C SER E 49 -5.35 -16.39 21.86
N VAL E 50 -4.83 -17.64 21.93
CA VAL E 50 -3.52 -18.01 21.36
C VAL E 50 -3.51 -17.64 19.85
N ASP E 51 -4.59 -17.99 19.12
CA ASP E 51 -4.73 -17.69 17.70
C ASP E 51 -4.70 -16.18 17.42
N GLY E 52 -5.42 -15.43 18.26
CA GLY E 52 -5.49 -13.97 18.17
C GLY E 52 -4.14 -13.36 18.42
N ASP E 53 -3.43 -13.85 19.46
CA ASP E 53 -2.09 -13.43 19.86
C ASP E 53 -1.09 -13.70 18.75
N PHE E 54 -1.13 -14.92 18.14
CA PHE E 54 -0.24 -15.34 17.04
C PHE E 54 -0.36 -14.40 15.84
N THR E 55 -1.60 -14.07 15.43
CA THR E 55 -1.88 -13.14 14.32
C THR E 55 -1.35 -11.73 14.62
N MET E 56 -1.65 -11.25 15.84
CA MET E 56 -1.20 -9.96 16.35
C MET E 56 0.29 -9.86 16.45
N LYS E 57 0.99 -10.95 16.82
CA LYS E 57 2.45 -10.98 16.89
C LYS E 57 3.09 -11.13 15.50
N LYS E 58 2.46 -11.92 14.59
CA LYS E 58 2.93 -12.12 13.21
C LYS E 58 3.11 -10.78 12.47
N PHE E 59 2.11 -9.89 12.54
CA PHE E 59 2.13 -8.60 11.87
C PHE E 59 2.43 -7.43 12.81
N ALA E 60 2.97 -7.72 14.01
CA ALA E 60 3.31 -6.71 15.03
C ALA E 60 4.14 -5.55 14.54
N ASP E 61 5.09 -5.81 13.65
CA ASP E 61 5.98 -4.79 13.08
C ASP E 61 5.70 -4.54 11.59
N SER E 62 4.47 -4.85 11.14
CA SER E 62 4.08 -4.67 9.75
C SER E 62 3.03 -3.58 9.63
N TYR E 63 3.02 -2.91 8.46
CA TYR E 63 2.07 -1.86 8.12
CA TYR E 63 2.05 -1.85 8.14
C TYR E 63 1.01 -2.46 7.19
N VAL E 64 1.37 -3.54 6.47
CA VAL E 64 0.49 -4.24 5.55
C VAL E 64 0.38 -5.72 5.97
N ALA E 65 -0.82 -6.29 5.80
CA ALA E 65 -1.11 -7.69 6.10
C ALA E 65 -1.97 -8.26 4.97
N PHE E 66 -1.74 -9.53 4.64
CA PHE E 66 -2.47 -10.22 3.58
C PHE E 66 -3.18 -11.44 4.14
N PHE E 67 -4.47 -11.58 3.80
CA PHE E 67 -5.30 -12.72 4.20
C PHE E 67 -6.12 -13.18 3.00
N ALA E 68 -6.20 -14.50 2.83
CA ALA E 68 -6.99 -15.16 1.79
C ALA E 68 -7.32 -16.56 2.26
N ASN E 69 -8.31 -17.19 1.65
CA ASN E 69 -8.75 -18.52 2.02
C ASN E 69 -8.29 -19.52 0.96
N LYS E 70 -7.37 -20.40 1.37
CA LYS E 70 -6.71 -21.49 0.61
C LYS E 70 -7.70 -22.35 -0.20
N GLY E 71 -8.79 -22.79 0.44
CA GLY E 71 -9.81 -23.62 -0.20
C GLY E 71 -11.04 -22.80 -0.54
N SER E 72 -11.49 -22.93 -1.80
CA SER E 72 -12.64 -22.29 -2.47
C SER E 72 -12.33 -20.86 -2.94
N GLY E 73 -11.99 -19.96 -2.01
CA GLY E 73 -11.61 -18.59 -2.31
C GLY E 73 -12.75 -17.59 -2.48
N ASN E 74 -13.99 -18.01 -2.21
CA ASN E 74 -15.18 -17.18 -2.33
C ASN E 74 -15.43 -16.25 -1.10
N THR E 75 -14.86 -16.62 0.06
CA THR E 75 -15.01 -15.94 1.34
C THR E 75 -13.65 -15.84 2.04
N VAL E 76 -13.49 -14.85 2.94
CA VAL E 76 -12.29 -14.69 3.77
C VAL E 76 -12.75 -14.31 5.17
N THR E 77 -12.24 -15.06 6.16
CA THR E 77 -12.43 -14.85 7.58
C THR E 77 -11.03 -14.68 8.16
N PHE E 78 -10.84 -13.64 8.98
CA PHE E 78 -9.53 -13.32 9.57
C PHE E 78 -9.68 -12.42 10.79
N THR E 79 -8.59 -12.28 11.56
CA THR E 79 -8.52 -11.39 12.73
C THR E 79 -7.60 -10.21 12.38
N ALA E 80 -8.09 -8.97 12.58
CA ALA E 80 -7.30 -7.77 12.31
C ALA E 80 -6.13 -7.69 13.30
N PRO E 81 -4.85 -7.67 12.83
CA PRO E 81 -3.71 -7.59 13.78
C PRO E 81 -3.59 -6.25 14.50
N TRP E 82 -4.20 -5.22 13.91
CA TRP E 82 -4.23 -3.84 14.39
C TRP E 82 -5.40 -3.11 13.74
N ASP E 83 -5.74 -1.90 14.25
CA ASP E 83 -6.79 -1.05 13.69
C ASP E 83 -6.36 -0.71 12.27
N CYS E 84 -7.24 -0.94 11.29
CA CYS E 84 -6.88 -0.76 9.89
C CYS E 84 -8.05 -0.41 8.97
N THR E 85 -7.70 -0.31 7.68
CA THR E 85 -8.55 -0.12 6.51
C THR E 85 -8.32 -1.40 5.69
N ALA E 86 -9.41 -2.02 5.24
CA ALA E 86 -9.31 -3.25 4.43
C ALA E 86 -9.56 -2.95 2.96
N GLU E 87 -8.75 -3.54 2.11
CA GLU E 87 -8.89 -3.46 0.67
C GLU E 87 -9.14 -4.90 0.24
N VAL E 88 -10.41 -5.21 -0.01
CA VAL E 88 -10.85 -6.55 -0.36
C VAL E 88 -11.00 -6.68 -1.87
N GLU E 89 -10.27 -7.61 -2.48
CA GLU E 89 -10.31 -7.87 -3.91
C GLU E 89 -10.86 -9.26 -4.15
N LEU E 90 -11.95 -9.36 -4.91
CA LEU E 90 -12.52 -10.65 -5.26
C LEU E 90 -12.36 -10.91 -6.74
N PHE E 91 -11.38 -11.76 -7.05
CA PHE E 91 -11.11 -12.25 -8.40
C PHE E 91 -12.18 -13.28 -8.64
N TYR E 92 -12.92 -13.13 -9.74
CA TYR E 92 -14.06 -13.99 -10.03
C TYR E 92 -14.24 -14.17 -11.50
N HIS E 93 -14.71 -15.36 -11.90
CA HIS E 93 -15.00 -15.68 -13.30
C HIS E 93 -16.36 -16.35 -13.31
N GLY E 94 -17.19 -16.00 -14.27
CA GLY E 94 -18.53 -16.57 -14.38
C GLY E 94 -19.38 -16.09 -15.53
N TRP E 95 -20.63 -16.57 -15.58
CA TRP E 95 -21.62 -16.19 -16.58
C TRP E 95 -22.95 -16.04 -15.86
N GLY E 96 -23.83 -15.18 -16.37
CA GLY E 96 -25.16 -14.98 -15.80
C GLY E 96 -26.08 -16.14 -16.15
N TYR E 97 -27.14 -16.35 -15.34
CA TYR E 97 -28.12 -17.42 -15.55
C TYR E 97 -28.70 -17.35 -16.97
N SER E 98 -28.47 -18.42 -17.79
CA SER E 98 -28.87 -18.58 -19.20
C SER E 98 -28.35 -17.42 -20.07
N GLY E 99 -27.08 -17.07 -19.86
CA GLY E 99 -26.44 -15.92 -20.49
C GLY E 99 -26.95 -14.70 -19.77
N GLY E 100 -26.82 -13.53 -20.38
CA GLY E 100 -27.32 -12.32 -19.74
C GLY E 100 -26.58 -11.79 -18.53
N GLU E 101 -27.06 -10.63 -18.06
CA GLU E 101 -26.52 -9.78 -16.99
C GLU E 101 -26.38 -10.45 -15.63
N TRP E 102 -25.26 -10.12 -14.96
CA TRP E 102 -24.90 -10.54 -13.61
C TRP E 102 -23.87 -9.53 -13.08
N GLU E 103 -24.21 -8.89 -11.94
CA GLU E 103 -23.38 -7.91 -11.26
C GLU E 103 -23.12 -8.41 -9.83
N ILE E 104 -21.83 -8.42 -9.42
CA ILE E 104 -21.39 -8.89 -8.11
C ILE E 104 -20.66 -7.80 -7.33
N GLY E 105 -20.67 -7.94 -6.01
CA GLY E 105 -19.98 -7.05 -5.09
C GLY E 105 -19.48 -7.82 -3.88
N ILE E 106 -19.02 -7.10 -2.84
CA ILE E 106 -18.54 -7.72 -1.60
C ILE E 106 -19.47 -7.29 -0.45
N THR E 107 -19.62 -8.15 0.55
CA THR E 107 -20.47 -7.90 1.72
C THR E 107 -19.82 -6.91 2.71
N THR E 108 -20.63 -6.28 3.56
CA THR E 108 -20.13 -5.34 4.58
C THR E 108 -20.37 -5.97 5.97
N PRO E 109 -19.31 -6.50 6.64
CA PRO E 109 -19.51 -7.07 7.99
C PRO E 109 -19.87 -5.99 9.01
N SER E 110 -20.59 -6.38 10.07
CA SER E 110 -21.03 -5.44 11.10
C SER E 110 -19.89 -4.64 11.72
N GLY E 111 -20.08 -3.34 11.86
CA GLY E 111 -19.08 -2.45 12.43
C GLY E 111 -18.20 -1.75 11.42
N LEU E 112 -18.23 -2.23 10.16
CA LEU E 112 -17.43 -1.68 9.08
C LEU E 112 -18.25 -0.78 8.16
N THR E 113 -17.54 0.10 7.45
CA THR E 113 -18.13 1.03 6.52
C THR E 113 -17.52 0.76 5.16
N GLN E 114 -18.37 0.42 4.16
CA GLN E 114 -17.86 0.19 2.82
C GLN E 114 -17.69 1.55 2.16
N ILE E 115 -16.48 2.09 2.27
CA ILE E 115 -16.14 3.41 1.75
C ILE E 115 -16.38 3.48 0.25
N TYR E 116 -15.82 2.51 -0.50
CA TYR E 116 -15.96 2.45 -1.94
C TYR E 116 -16.18 1.01 -2.40
N GLU E 117 -16.87 0.83 -3.54
CA GLU E 117 -17.13 -0.49 -4.11
C GLU E 117 -17.15 -0.42 -5.63
N ALA E 118 -16.29 -1.23 -6.25
CA ALA E 118 -16.17 -1.39 -7.68
C ALA E 118 -16.74 -2.76 -7.98
N THR E 119 -18.01 -2.79 -8.41
CA THR E 119 -18.73 -4.03 -8.73
C THR E 119 -18.22 -4.70 -10.01
N GLY E 120 -18.31 -6.02 -10.05
CA GLY E 120 -17.92 -6.83 -11.20
C GLY E 120 -19.14 -7.16 -12.02
N TYR E 121 -19.01 -7.17 -13.35
CA TYR E 121 -20.13 -7.41 -14.26
C TYR E 121 -19.76 -8.27 -15.47
N THR E 122 -20.73 -9.08 -15.92
CA THR E 122 -20.61 -9.92 -17.13
C THR E 122 -21.97 -10.05 -17.81
N ASN E 123 -21.96 -10.29 -19.13
CA ASN E 123 -23.17 -10.40 -19.92
C ASN E 123 -22.99 -11.42 -21.04
N GLY E 124 -23.97 -12.31 -21.20
CA GLY E 124 -23.97 -13.35 -22.24
C GLY E 124 -23.04 -14.52 -21.95
N HIS E 125 -22.43 -15.08 -23.02
CA HIS E 125 -21.48 -16.21 -23.02
C HIS E 125 -21.89 -17.37 -22.08
N ASP E 126 -23.16 -17.83 -22.20
CA ASP E 126 -23.71 -18.90 -21.37
C ASP E 126 -22.81 -20.14 -21.35
N ASN E 127 -22.62 -20.69 -20.14
CA ASN E 127 -21.82 -21.88 -19.79
C ASN E 127 -20.30 -21.70 -20.03
N GLN E 128 -19.83 -20.44 -20.13
CA GLN E 128 -18.42 -20.07 -20.30
C GLN E 128 -18.09 -19.02 -19.25
N ALA E 129 -17.15 -19.29 -18.34
CA ALA E 129 -16.82 -18.30 -17.30
C ALA E 129 -15.83 -17.26 -17.80
N ILE E 130 -16.15 -15.99 -17.61
CA ILE E 130 -15.33 -14.85 -18.01
C ILE E 130 -15.01 -14.00 -16.78
N SER E 131 -13.79 -13.43 -16.73
CA SER E 131 -13.31 -12.55 -15.65
C SER E 131 -14.31 -11.42 -15.37
N MET E 132 -14.69 -11.27 -14.08
CA MET E 132 -15.61 -10.25 -13.60
C MET E 132 -15.21 -9.82 -12.16
N PRO E 133 -13.96 -9.34 -11.96
CA PRO E 133 -13.52 -9.00 -10.60
C PRO E 133 -14.24 -7.83 -9.97
N THR E 134 -14.41 -7.93 -8.67
CA THR E 134 -15.02 -6.89 -7.84
C THR E 134 -14.02 -6.51 -6.74
N LYS E 135 -14.15 -5.29 -6.23
CA LYS E 135 -13.24 -4.78 -5.22
C LYS E 135 -13.98 -3.79 -4.35
N ALA E 136 -13.67 -3.76 -3.05
CA ALA E 136 -14.28 -2.83 -2.14
C ALA E 136 -13.30 -2.41 -1.06
N ILE E 137 -13.45 -1.18 -0.55
CA ILE E 137 -12.60 -0.63 0.52
C ILE E 137 -13.48 -0.40 1.75
N TYR E 138 -12.96 -0.83 2.92
CA TYR E 138 -13.64 -0.77 4.20
C TYR E 138 -12.82 -0.06 5.24
N SER E 139 -13.48 0.75 6.05
CA SER E 139 -12.87 1.43 7.18
C SER E 139 -13.50 0.89 8.48
N GLY E 140 -12.81 1.12 9.60
CA GLY E 140 -13.31 0.74 10.93
C GLY E 140 -12.95 -0.62 11.47
N LEU E 141 -11.96 -1.30 10.87
CA LEU E 141 -11.49 -2.61 11.36
C LEU E 141 -10.70 -2.39 12.65
N LYS E 142 -10.96 -3.22 13.65
CA LYS E 142 -10.35 -3.07 14.98
C LYS E 142 -9.44 -4.24 15.36
N LYS E 143 -8.32 -3.91 16.04
CA LYS E 143 -7.33 -4.85 16.54
C LYS E 143 -8.02 -5.99 17.31
N GLY E 144 -7.65 -7.22 16.97
CA GLY E 144 -8.17 -8.42 17.59
C GLY E 144 -9.54 -8.88 17.16
N LEU E 145 -10.28 -8.08 16.35
CA LEU E 145 -11.61 -8.47 15.91
C LEU E 145 -11.60 -9.33 14.66
N GLN E 146 -12.54 -10.29 14.60
CA GLN E 146 -12.65 -11.20 13.46
C GLN E 146 -13.69 -10.68 12.47
N TYR E 147 -13.35 -10.71 11.18
CA TYR E 147 -14.24 -10.24 10.11
C TYR E 147 -14.43 -11.29 9.03
N THR E 148 -15.62 -11.32 8.40
CA THR E 148 -15.94 -12.24 7.33
C THR E 148 -16.51 -11.51 6.13
N PHE E 149 -15.85 -11.63 4.98
CA PHE E 149 -16.28 -11.02 3.72
C PHE E 149 -16.72 -12.10 2.75
N ASP E 150 -17.84 -11.86 2.06
CA ASP E 150 -18.38 -12.79 1.05
C ASP E 150 -18.70 -12.03 -0.23
N ILE E 151 -19.01 -12.78 -1.31
CA ILE E 151 -19.52 -12.29 -2.58
C ILE E 151 -21.00 -11.96 -2.34
N ARG E 152 -21.50 -10.93 -3.00
CA ARG E 152 -22.90 -10.56 -2.95
C ARG E 152 -23.38 -10.34 -4.38
N ASP E 153 -24.65 -10.67 -4.65
CA ASP E 153 -25.22 -10.43 -5.97
C ASP E 153 -25.83 -9.04 -5.92
N ALA E 154 -25.29 -8.12 -6.73
CA ALA E 154 -25.74 -6.73 -6.80
C ALA E 154 -26.93 -6.59 -7.74
N ASN E 155 -26.85 -7.21 -8.94
CA ASN E 155 -27.89 -7.23 -9.99
C ASN E 155 -27.82 -8.57 -10.73
N GLY E 156 -28.93 -8.97 -11.31
CA GLY E 156 -29.04 -10.21 -12.08
C GLY E 156 -28.89 -11.48 -11.27
N ARG E 157 -28.81 -12.61 -11.98
CA ARG E 157 -28.67 -13.94 -11.38
C ARG E 157 -27.40 -14.63 -11.84
N GLY E 158 -26.82 -15.41 -10.93
CA GLY E 158 -25.63 -16.20 -11.20
C GLY E 158 -25.91 -17.41 -12.09
N GLY E 159 -24.97 -17.70 -12.97
CA GLY E 159 -25.05 -18.82 -13.89
C GLY E 159 -24.07 -19.94 -13.57
N GLY E 160 -22.99 -19.58 -12.90
CA GLY E 160 -21.95 -20.51 -12.49
C GLY E 160 -20.60 -19.83 -12.33
N PRO E 161 -19.87 -20.12 -11.23
CA PRO E 161 -18.56 -19.48 -11.03
C PRO E 161 -17.37 -20.36 -11.43
N LYS E 162 -16.20 -19.73 -11.58
CA LYS E 162 -14.93 -20.39 -11.86
C LYS E 162 -13.78 -19.59 -11.27
N HIS E 163 -12.82 -20.30 -10.68
CA HIS E 163 -11.61 -19.79 -10.04
C HIS E 163 -11.81 -18.48 -9.23
N PRO E 164 -12.69 -18.48 -8.20
CA PRO E 164 -12.82 -17.27 -7.37
C PRO E 164 -11.70 -17.20 -6.33
N MET E 165 -11.18 -16.00 -6.08
CA MET E 165 -10.13 -15.79 -5.08
C MET E 165 -10.27 -14.43 -4.44
N MET E 166 -10.59 -14.44 -3.16
CA MET E 166 -10.72 -13.22 -2.40
C MET E 166 -9.43 -12.97 -1.63
N ILE E 167 -8.83 -11.79 -1.85
CA ILE E 167 -7.58 -11.38 -1.21
C ILE E 167 -7.82 -10.09 -0.43
N VAL E 168 -7.51 -10.12 0.87
CA VAL E 168 -7.67 -9.01 1.79
C VAL E 168 -6.31 -8.37 2.02
N LYS E 169 -6.22 -7.04 1.84
CA LYS E 169 -5.02 -6.25 2.12
C LYS E 169 -5.39 -5.32 3.25
N LEU E 170 -4.63 -5.35 4.33
CA LEU E 170 -4.93 -4.49 5.46
C LEU E 170 -3.87 -3.43 5.57
N TYR E 171 -4.29 -2.17 5.71
CA TYR E 171 -3.36 -1.07 5.85
C TYR E 171 -3.51 -0.51 7.24
N ARG E 172 -2.50 -0.73 8.08
CA ARG E 172 -2.43 -0.28 9.47
C ARG E 172 -2.62 1.22 9.62
N ASN E 173 -3.47 1.63 10.58
CA ASN E 173 -3.70 3.05 10.90
C ASN E 173 -2.56 3.49 11.83
N ALA E 174 -1.95 4.66 11.60
CA ALA E 174 -0.84 5.08 12.49
C ALA E 174 -1.32 5.75 13.77
N ASP F 47 28.80 -7.82 -10.38
CA ASP F 47 28.45 -6.46 -10.81
C ASP F 47 26.96 -6.20 -10.80
N VAL F 48 26.59 -4.96 -10.46
CA VAL F 48 25.22 -4.47 -10.36
C VAL F 48 24.92 -3.64 -11.60
N SER F 49 23.68 -3.75 -12.12
CA SER F 49 23.24 -2.98 -13.28
C SER F 49 22.94 -1.54 -12.85
N VAL F 50 22.81 -0.62 -13.84
CA VAL F 50 22.45 0.79 -13.61
C VAL F 50 21.11 0.83 -12.87
N ASP F 51 20.12 0.03 -13.35
CA ASP F 51 18.78 -0.07 -12.79
C ASP F 51 18.84 -0.56 -11.35
N GLY F 52 19.66 -1.60 -11.09
CA GLY F 52 19.86 -2.16 -9.76
C GLY F 52 20.46 -1.16 -8.80
N ASP F 53 21.51 -0.44 -9.28
CA ASP F 53 22.21 0.61 -8.55
C ASP F 53 21.25 1.76 -8.20
N PHE F 54 20.44 2.21 -9.17
CA PHE F 54 19.50 3.31 -8.97
C PHE F 54 18.48 2.97 -7.89
N THR F 55 17.91 1.76 -7.98
CA THR F 55 16.85 1.20 -7.16
C THR F 55 17.18 1.24 -5.72
N MET F 56 18.36 0.79 -5.31
CA MET F 56 18.67 0.78 -3.88
C MET F 56 18.60 2.18 -3.22
N LYS F 57 19.13 3.18 -3.94
CA LYS F 57 19.18 4.58 -3.52
C LYS F 57 17.82 5.26 -3.64
N LYS F 58 17.10 4.96 -4.74
CA LYS F 58 15.78 5.53 -5.03
C LYS F 58 14.78 5.30 -3.91
N PHE F 59 14.69 4.06 -3.40
CA PHE F 59 13.73 3.69 -2.37
C PHE F 59 14.32 3.57 -0.97
N ALA F 60 15.55 4.05 -0.78
CA ALA F 60 16.27 4.00 0.48
C ALA F 60 15.44 4.48 1.70
N ASP F 61 14.63 5.55 1.54
CA ASP F 61 13.76 6.13 2.56
C ASP F 61 12.26 5.88 2.34
N SER F 62 11.91 4.88 1.51
CA SER F 62 10.52 4.55 1.17
C SER F 62 10.04 3.26 1.79
N TYR F 63 8.69 3.11 1.98
CA TYR F 63 8.06 1.92 2.53
CA TYR F 63 8.07 1.91 2.54
C TYR F 63 7.45 1.10 1.40
N VAL F 64 7.12 1.77 0.29
CA VAL F 64 6.52 1.13 -0.90
C VAL F 64 7.40 1.41 -2.11
N ALA F 65 7.48 0.42 -3.01
CA ALA F 65 8.21 0.50 -4.27
C ALA F 65 7.39 -0.14 -5.40
N PHE F 66 7.48 0.46 -6.61
CA PHE F 66 6.78 -0.01 -7.80
C PHE F 66 7.75 -0.35 -8.91
N PHE F 67 7.58 -1.51 -9.53
CA PHE F 67 8.41 -2.00 -10.64
C PHE F 67 7.52 -2.63 -11.69
N ALA F 68 7.81 -2.35 -12.96
CA ALA F 68 7.12 -2.90 -14.11
C ALA F 68 8.06 -2.84 -15.29
N ASN F 69 7.81 -3.64 -16.33
CA ASN F 69 8.67 -3.64 -17.52
C ASN F 69 7.93 -2.94 -18.68
N LYS F 70 8.42 -1.77 -19.08
CA LYS F 70 7.76 -0.95 -20.10
C LYS F 70 7.65 -1.62 -21.48
N GLY F 71 8.60 -2.48 -21.86
CA GLY F 71 8.53 -3.22 -23.11
C GLY F 71 8.04 -4.64 -22.90
N SER F 72 6.95 -5.06 -23.61
CA SER F 72 6.24 -6.37 -23.56
C SER F 72 5.26 -6.47 -22.36
N GLY F 73 5.77 -6.38 -21.13
CA GLY F 73 4.98 -6.39 -19.90
C GLY F 73 4.59 -7.75 -19.35
N ASN F 74 5.09 -8.83 -19.97
CA ASN F 74 4.81 -10.23 -19.60
C ASN F 74 5.62 -10.70 -18.38
N THR F 75 6.79 -10.08 -18.16
CA THR F 75 7.76 -10.40 -17.11
C THR F 75 8.26 -9.13 -16.42
N VAL F 76 8.70 -9.26 -15.16
CA VAL F 76 9.31 -8.17 -14.40
C VAL F 76 10.53 -8.74 -13.69
N THR F 77 11.66 -8.06 -13.89
CA THR F 77 12.93 -8.33 -13.27
C THR F 77 13.30 -7.04 -12.52
N PHE F 78 13.68 -7.17 -11.25
CA PHE F 78 14.01 -6.01 -10.41
C PHE F 78 14.86 -6.44 -9.23
N THR F 79 15.46 -5.46 -8.54
CA THR F 79 16.25 -5.67 -7.33
C THR F 79 15.44 -5.16 -6.14
N ALA F 80 15.28 -5.97 -5.08
CA ALA F 80 14.56 -5.55 -3.88
C ALA F 80 15.37 -4.46 -3.16
N PRO F 81 14.83 -3.23 -2.97
CA PRO F 81 15.62 -2.16 -2.32
C PRO F 81 15.86 -2.43 -0.83
N TRP F 82 15.03 -3.32 -0.23
CA TRP F 82 15.02 -3.75 1.18
C TRP F 82 14.24 -5.06 1.30
N ASP F 83 14.34 -5.73 2.46
CA ASP F 83 13.60 -6.96 2.76
C ASP F 83 12.11 -6.62 2.70
N CYS F 84 11.33 -7.37 1.91
CA CYS F 84 9.92 -7.05 1.70
C CYS F 84 9.03 -8.25 1.37
N THR F 85 7.75 -7.90 1.12
CA THR F 85 6.64 -8.73 0.65
C THR F 85 6.26 -8.14 -0.71
N ALA F 86 6.14 -8.98 -1.73
CA ALA F 86 5.79 -8.54 -3.07
C ALA F 86 4.35 -8.84 -3.40
N GLU F 87 3.69 -7.87 -4.04
CA GLU F 87 2.33 -7.99 -4.51
C GLU F 87 2.44 -7.83 -6.03
N VAL F 88 2.40 -8.96 -6.73
CA VAL F 88 2.56 -9.00 -8.19
C VAL F 88 1.20 -9.10 -8.88
N GLU F 89 0.90 -8.13 -9.73
CA GLU F 89 -0.35 -8.08 -10.50
C GLU F 89 -0.05 -8.22 -11.97
N LEU F 90 -0.62 -9.24 -12.63
CA LEU F 90 -0.45 -9.43 -14.06
C LEU F 90 -1.76 -9.18 -14.80
N PHE F 91 -1.84 -8.00 -15.43
CA PHE F 91 -2.95 -7.58 -16.28
C PHE F 91 -2.71 -8.33 -17.57
N TYR F 92 -3.70 -9.07 -18.04
CA TYR F 92 -3.54 -9.92 -19.21
C TYR F 92 -4.84 -10.04 -19.97
N HIS F 93 -4.74 -10.17 -21.29
CA HIS F 93 -5.89 -10.35 -22.17
C HIS F 93 -5.54 -11.48 -23.11
N GLY F 94 -6.49 -12.39 -23.35
CA GLY F 94 -6.26 -13.51 -24.24
C GLY F 94 -7.43 -14.44 -24.47
N TRP F 95 -7.18 -15.51 -25.23
CA TRP F 95 -8.16 -16.57 -25.51
C TRP F 95 -7.43 -17.90 -25.46
N GLY F 96 -8.14 -18.98 -25.11
CA GLY F 96 -7.57 -20.32 -25.07
C GLY F 96 -7.38 -20.88 -26.46
N TYR F 97 -6.46 -21.86 -26.63
CA TYR F 97 -6.18 -22.51 -27.92
C TYR F 97 -7.49 -23.06 -28.53
N SER F 98 -7.88 -22.54 -29.73
CA SER F 98 -9.11 -22.87 -30.49
C SER F 98 -10.38 -22.67 -29.64
N GLY F 99 -10.42 -21.54 -28.92
CA GLY F 99 -11.46 -21.24 -27.96
C GLY F 99 -11.20 -22.07 -26.72
N GLY F 100 -12.19 -22.26 -25.87
CA GLY F 100 -11.99 -23.09 -24.68
C GLY F 100 -11.13 -22.53 -23.58
N GLU F 101 -11.05 -23.32 -22.48
CA GLU F 101 -10.40 -23.04 -21.19
C GLU F 101 -8.90 -22.74 -21.26
N TRP F 102 -8.49 -21.77 -20.44
CA TRP F 102 -7.12 -21.33 -20.23
C TRP F 102 -7.06 -20.61 -18.86
N GLU F 103 -6.20 -21.13 -17.97
CA GLU F 103 -5.99 -20.59 -16.63
C GLU F 103 -4.51 -20.22 -16.48
N ILE F 104 -4.25 -18.98 -16.02
CA ILE F 104 -2.90 -18.45 -15.84
C ILE F 104 -2.63 -18.06 -14.39
N GLY F 105 -1.35 -18.02 -14.04
CA GLY F 105 -0.87 -17.61 -12.73
C GLY F 105 0.48 -16.93 -12.86
N ILE F 106 1.16 -16.70 -11.73
CA ILE F 106 2.48 -16.08 -11.71
C ILE F 106 3.48 -17.10 -11.15
N THR F 107 4.74 -17.02 -11.61
CA THR F 107 5.81 -17.92 -11.20
C THR F 107 6.33 -17.58 -9.80
N THR F 108 6.97 -18.55 -9.13
CA THR F 108 7.56 -18.34 -7.82
C THR F 108 9.10 -18.42 -7.95
N PRO F 109 9.82 -17.27 -7.91
CA PRO F 109 11.29 -17.32 -8.02
C PRO F 109 11.91 -18.00 -6.79
N SER F 110 13.10 -18.61 -6.96
CA SER F 110 13.77 -19.32 -5.87
C SER F 110 14.00 -18.43 -4.64
N GLY F 111 13.69 -18.98 -3.48
CA GLY F 111 13.83 -18.29 -2.20
C GLY F 111 12.57 -17.64 -1.71
N LEU F 112 11.57 -17.50 -2.60
CA LEU F 112 10.30 -16.87 -2.27
C LEU F 112 9.20 -17.89 -2.00
N THR F 113 8.17 -17.43 -1.27
CA THR F 113 7.02 -18.25 -0.91
C THR F 113 5.79 -17.55 -1.46
N GLN F 114 5.05 -18.24 -2.33
CA GLN F 114 3.83 -17.67 -2.89
C GLN F 114 2.72 -17.88 -1.86
N ILE F 115 2.53 -16.87 -1.00
CA ILE F 115 1.56 -16.89 0.08
C ILE F 115 0.16 -17.11 -0.46
N TYR F 116 -0.24 -16.31 -1.45
CA TYR F 116 -1.56 -16.41 -2.06
C TYR F 116 -1.48 -16.21 -3.57
N GLU F 117 -2.43 -16.81 -4.32
CA GLU F 117 -2.49 -16.67 -5.77
C GLU F 117 -3.92 -16.69 -6.26
N ALA F 118 -4.30 -15.63 -6.99
CA ALA F 118 -5.59 -15.45 -7.63
C ALA F 118 -5.33 -15.64 -9.11
N THR F 119 -5.63 -16.84 -9.62
CA THR F 119 -5.44 -17.19 -11.03
C THR F 119 -6.44 -16.50 -11.96
N GLY F 120 -5.99 -16.23 -13.18
CA GLY F 120 -6.79 -15.62 -14.23
C GLY F 120 -7.33 -16.69 -15.14
N TYR F 121 -8.58 -16.54 -15.60
CA TYR F 121 -9.23 -17.55 -16.43
C TYR F 121 -10.09 -16.95 -17.55
N THR F 122 -10.15 -17.64 -18.70
CA THR F 122 -10.98 -17.28 -19.84
C THR F 122 -11.45 -18.56 -20.56
N ASN F 123 -12.60 -18.47 -21.25
CA ASN F 123 -13.19 -19.60 -21.96
C ASN F 123 -13.88 -19.12 -23.23
N GLY F 124 -13.62 -19.83 -24.34
CA GLY F 124 -14.21 -19.54 -25.65
C GLY F 124 -13.62 -18.33 -26.35
N HIS F 125 -14.48 -17.58 -27.09
CA HIS F 125 -14.16 -16.35 -27.86
C HIS F 125 -12.83 -16.44 -28.65
N ASP F 126 -12.68 -17.53 -29.44
CA ASP F 126 -11.47 -17.78 -30.23
C ASP F 126 -11.08 -16.58 -31.10
N ASN F 127 -9.78 -16.26 -31.09
CA ASN F 127 -9.10 -15.17 -31.82
C ASN F 127 -9.52 -13.75 -31.36
N GLN F 128 -10.11 -13.65 -30.14
CA GLN F 128 -10.52 -12.39 -29.52
C GLN F 128 -9.95 -12.37 -28.11
N ALA F 129 -9.08 -11.40 -27.78
CA ALA F 129 -8.50 -11.37 -26.43
C ALA F 129 -9.43 -10.69 -25.46
N ILE F 130 -9.66 -11.34 -24.31
CA ILE F 130 -10.53 -10.85 -23.23
C ILE F 130 -9.71 -10.79 -21.94
N SER F 131 -9.99 -9.77 -21.08
CA SER F 131 -9.34 -9.56 -19.79
C SER F 131 -9.38 -10.82 -18.94
N MET F 132 -8.22 -11.25 -18.43
CA MET F 132 -8.04 -12.43 -17.57
C MET F 132 -6.89 -12.16 -16.56
N PRO F 133 -7.00 -11.11 -15.72
CA PRO F 133 -5.90 -10.80 -14.81
C PRO F 133 -5.66 -11.83 -13.72
N THR F 134 -4.38 -11.98 -13.37
CA THR F 134 -3.93 -12.84 -12.30
C THR F 134 -3.12 -12.01 -11.29
N LYS F 135 -3.06 -12.46 -10.05
CA LYS F 135 -2.37 -11.73 -8.99
C LYS F 135 -1.83 -12.73 -7.98
N ALA F 136 -0.66 -12.45 -7.40
CA ALA F 136 -0.08 -13.32 -6.39
C ALA F 136 0.72 -12.51 -5.36
N ILE F 137 0.77 -13.01 -4.11
CA ILE F 137 1.50 -12.37 -3.01
C ILE F 137 2.66 -13.28 -2.60
N TYR F 138 3.86 -12.69 -2.44
CA TYR F 138 5.10 -13.38 -2.12
C TYR F 138 5.76 -12.81 -0.90
N SER F 139 6.33 -13.70 -0.07
CA SER F 139 7.10 -13.32 1.10
C SER F 139 8.55 -13.80 0.89
N GLY F 140 9.48 -13.24 1.67
CA GLY F 140 10.88 -13.63 1.67
C GLY F 140 11.83 -12.93 0.71
N LEU F 141 11.42 -11.78 0.16
CA LEU F 141 12.29 -10.98 -0.72
C LEU F 141 13.36 -10.32 0.14
N LYS F 142 14.61 -10.35 -0.34
CA LYS F 142 15.75 -9.84 0.40
C LYS F 142 16.44 -8.65 -0.25
N LYS F 143 16.90 -7.69 0.59
CA LYS F 143 17.61 -6.48 0.18
C LYS F 143 18.74 -6.83 -0.77
N GLY F 144 18.79 -6.13 -1.90
CA GLY F 144 19.83 -6.30 -2.91
C GLY F 144 19.68 -7.48 -3.85
N LEU F 145 18.72 -8.38 -3.60
CA LEU F 145 18.54 -9.55 -4.46
C LEU F 145 17.64 -9.24 -5.66
N GLN F 146 17.97 -9.85 -6.81
CA GLN F 146 17.23 -9.68 -8.05
C GLN F 146 16.22 -10.81 -8.20
N TYR F 147 14.98 -10.45 -8.56
CA TYR F 147 13.90 -11.41 -8.74
C TYR F 147 13.24 -11.28 -10.10
N THR F 148 12.78 -12.40 -10.66
CA THR F 148 12.11 -12.42 -11.95
C THR F 148 10.78 -13.17 -11.84
N PHE F 149 9.70 -12.47 -12.19
CA PHE F 149 8.35 -13.04 -12.19
C PHE F 149 7.85 -13.14 -13.62
N ASP F 150 7.22 -14.27 -13.96
CA ASP F 150 6.66 -14.52 -15.28
C ASP F 150 5.24 -15.05 -15.13
N ILE F 151 4.53 -15.11 -16.27
CA ILE F 151 3.21 -15.75 -16.42
C ILE F 151 3.46 -17.27 -16.44
N ARG F 152 2.55 -18.03 -15.86
CA ARG F 152 2.61 -19.48 -15.87
C ARG F 152 1.25 -20.01 -16.30
N ASP F 153 1.23 -21.13 -17.02
CA ASP F 153 -0.03 -21.75 -17.42
C ASP F 153 -0.42 -22.72 -16.31
N ALA F 154 -1.55 -22.43 -15.65
CA ALA F 154 -2.07 -23.24 -14.54
C ALA F 154 -2.89 -24.42 -15.07
N ASN F 155 -3.79 -24.16 -16.03
CA ASN F 155 -4.66 -25.14 -16.70
C ASN F 155 -4.88 -24.70 -18.16
N GLY F 156 -5.18 -25.66 -19.02
CA GLY F 156 -5.46 -25.43 -20.43
C GLY F 156 -4.27 -24.95 -21.25
N ARG F 157 -4.54 -24.54 -22.50
CA ARG F 157 -3.52 -24.06 -23.42
C ARG F 157 -3.80 -22.64 -23.90
N GLY F 158 -2.73 -21.89 -24.11
CA GLY F 158 -2.79 -20.51 -24.60
C GLY F 158 -3.16 -20.44 -26.07
N GLY F 159 -3.97 -19.44 -26.41
CA GLY F 159 -4.42 -19.19 -27.77
C GLY F 159 -3.81 -17.95 -28.39
N GLY F 160 -3.40 -17.01 -27.54
CA GLY F 160 -2.79 -15.76 -27.96
C GLY F 160 -3.00 -14.65 -26.96
N PRO F 161 -1.94 -13.86 -26.63
CA PRO F 161 -2.10 -12.78 -25.64
C PRO F 161 -2.28 -11.39 -26.26
N LYS F 162 -2.75 -10.43 -25.45
CA LYS F 162 -2.89 -9.03 -25.84
C LYS F 162 -2.75 -8.14 -24.62
N HIS F 163 -2.02 -7.02 -24.80
CA HIS F 163 -1.73 -5.99 -23.81
C HIS F 163 -1.45 -6.53 -22.37
N PRO F 164 -0.40 -7.40 -22.22
CA PRO F 164 -0.06 -7.85 -20.87
C PRO F 164 0.77 -6.79 -20.13
N MET F 165 0.53 -6.63 -18.82
CA MET F 165 1.28 -5.70 -17.99
C MET F 165 1.42 -6.21 -16.58
N MET F 166 2.66 -6.50 -16.20
CA MET F 166 2.93 -6.98 -14.86
C MET F 166 3.43 -5.80 -14.02
N ILE F 167 2.76 -5.55 -12.90
CA ILE F 167 3.09 -4.48 -11.94
C ILE F 167 3.41 -5.09 -10.57
N VAL F 168 4.61 -4.80 -10.06
CA VAL F 168 5.12 -5.28 -8.78
C VAL F 168 5.02 -4.16 -7.75
N LYS F 169 4.42 -4.46 -6.59
CA LYS F 169 4.32 -3.53 -5.45
C LYS F 169 5.10 -4.18 -4.32
N LEU F 170 6.07 -3.47 -3.75
CA LEU F 170 6.87 -4.02 -2.65
C LEU F 170 6.55 -3.29 -1.38
N TYR F 171 6.27 -4.05 -0.33
CA TYR F 171 5.96 -3.45 0.96
C TYR F 171 7.10 -3.80 1.91
N ARG F 172 7.89 -2.79 2.29
CA ARG F 172 9.04 -2.89 3.18
C ARG F 172 8.68 -3.49 4.53
N ASN F 173 9.51 -4.45 5.00
CA ASN F 173 9.35 -5.10 6.30
C ASN F 173 9.94 -4.16 7.36
N ALA F 174 9.23 -3.99 8.50
CA ALA F 174 9.54 -3.14 9.66
C ALA F 174 9.36 -1.67 9.33
#